data_7K78
#
_entry.id   7K78
#
_cell.length_a   1.00
_cell.length_b   1.00
_cell.length_c   1.00
_cell.angle_alpha   90.00
_cell.angle_beta   90.00
_cell.angle_gamma   90.00
#
_symmetry.space_group_name_H-M   'P 1'
#
loop_
_entity.id
_entity.type
_entity.pdbx_description
1 polymer Cse4
2 polymer 'Histone H4'
3 polymer 'Histone H2A.1'
4 polymer 'Histone H2B.1'
5 polymer 'DNA (136-MER)'
6 polymer 'DNA (136-MER)'
7 polymer scFv
#
loop_
_entity_poly.entity_id
_entity_poly.type
_entity_poly.pdbx_seq_one_letter_code
_entity_poly.pdbx_strand_id
1 'polypeptide(L)'
;MARTKQTARKSTGGKAPRKQLASKAARKSAPSTGGVKKPKKYTPSELALYEIRKYQRSTDLLISKIPFARLVKEVTDEFT
TKDQDLRWQSMAIMALQEASEAYLVGLLEHTNLLALHAKRITIMKKDMQLARRIRGQFI
;
A,E
2 'polypeptide(L)'
;MSGRGKGGKGLGKGGAKRHRKILRDNIQGITKPAIRRLARRGGVKRISGLIYEEVRAVLKSFLESVIRDSVTYTEHAKRK
TVTSLDVVYALKRQGRTLYGFGG
;
B,F
3 'polypeptide(L)'
;MSGGKGGKAGSAAKASQSRSAKAGLTFPVGRVHRLLRRGNYAQRIGSGAPVYLTAVLEYLAAEILELAGNAARDNKKTRI
IPRHLQLAIRNDDELNKLLGNVTIAQGGVLPNIHQNLLPKKSAKATKASQEL
;
C,G
4 'polypeptide(L)'
;MSAKAEKKPASKAPAEKKPAAKKTSTSTDGKKRSKARKETYSSYIYKVLKQTHPDTGISQKSMSILNSFVNDIFERIATE
ASKLAAYNKKSTISAREIQTAVRLILPGELAKHAVSEGTRAVTKYSSSTQA
;
D,H
5 'polydeoxyribonucleotide'
;(DT)(DC)(DG)(DG)(DG)(DT)(DC)(DA)(DC)(DA)(DT)(DG)(DA)(DT)(DG)(DA)(DT)(DA)(DT)(DT)
(DT)(DG)(DA)(DT)(DT)(DT)(DT)(DA)(DT)(DT)(DA)(DT)(DA)(DT)(DT)(DT)(DT)(DT)(DA)(DA)
(DA)(DA)(DA)(DA)(DA)(DG)(DT)(DA)(DA)(DA)(DA)(DA)(DA)(DT)(DA)(DA)(DA)(DA)(DA)(DG)
(DT)(DA)(DG)(DT)(DT)(DT)(DA)(DT)(DT)(DT)(DT)(DT)(DA)(DA)(DA)(DA)(DA)(DA)(DT)(DA)
(DA)(DA)(DA)(DT)(DT)(DT)(DA)(DA)(DA)(DA)(DT)(DA)(DT)(DT)(DA)(DG)(DT)(DG)(DT)(DA)
(DT)(DT)(DT)(DG)(DA)(DT)(DT)(DT)(DC)(DC)(DG)(DA)(DA)(DA)(DG)(DT)(DT)(DA)(DA)(DA)
(DA)(DA)(DA)(DG)(DA)(DA)(DA)(DT)(DA)(DG)(DT)(DA)(DA)(DG)(DC)(DT)
;
I
6 'polydeoxyribonucleotide'
;(DA)(DG)(DC)(DT)(DT)(DA)(DC)(DT)(DA)(DT)(DT)(DT)(DC)(DT)(DT)(DT)(DT)(DT)(DT)(DA)
(DA)(DC)(DT)(DT)(DT)(DC)(DG)(DG)(DA)(DA)(DA)(DT)(DC)(DA)(DA)(DA)(DT)(DA)(DC)(DA)
(DC)(DT)(DA)(DA)(DT)(DA)(DT)(DT)(DT)(DT)(DA)(DA)(DA)(DT)(DT)(DT)(DT)(DA)(DT)(DT)
(DT)(DT)(DT)(DT)(DA)(DA)(DA)(DA)(DA)(DT)(DA)(DA)(DA)(DC)(DT)(DA)(DC)(DT)(DT)(DT)
(DT)(DT)(DA)(DT)(DT)(DT)(DT)(DT)(DT)(DA)(DC)(DT)(DT)(DT)(DT)(DT)(DT)(DT)(DA)(DA)
(DA)(DA)(DA)(DT)(DA)(DT)(DA)(DA)(DT)(DA)(DA)(DA)(DA)(DT)(DC)(DA)(DA)(DA)(DT)(DA)
(DT)(DC)(DA)(DT)(DC)(DA)(DT)(DG)(DT)(DG)(DA)(DC)(DC)(DC)(DG)(DA)
;
J
7 'polypeptide(L)'
;MKSSHHHHHHENLYFQSNAMEVQLQQSGPELVEPGTSVKMPCKASGYTFTSYTIQWVKQTPRQGLEWIGYIYPYNAGTKY
NEKFKGKATLTSDKSSSTVYMELSSLTSEDSAVYYCARKSSRLRSTLDYWGQGTSVTVSSGGGGSGGGGSGGGGSMDIKM
TQSPSSMHASLGERVTITCKASQDIRSYLSWYQQKPWKSPKTLIYYATSLADGVPSRFSGSGSGQDFSLTINNLESDDTA
TYYCLQHGESPYTFGSGTKLEIKRA
;
K,L
#
loop_
_chem_comp.id
_chem_comp.type
_chem_comp.name
_chem_comp.formula
DA DNA linking 2'-DEOXYADENOSINE-5'-MONOPHOSPHATE 'C10 H14 N5 O6 P'
DC DNA linking 2'-DEOXYCYTIDINE-5'-MONOPHOSPHATE 'C9 H14 N3 O7 P'
DG DNA linking 2'-DEOXYGUANOSINE-5'-MONOPHOSPHATE 'C10 H14 N5 O7 P'
DT DNA linking THYMIDINE-5'-MONOPHOSPHATE 'C10 H15 N2 O8 P'
#
# COMPACT_ATOMS: atom_id res chain seq x y z
N PRO A 44 32.77 -10.60 22.18
CA PRO A 44 32.52 -10.50 20.74
C PRO A 44 31.13 -10.98 20.35
N SER A 45 30.92 -12.30 20.42
CA SER A 45 29.59 -12.85 20.18
C SER A 45 28.61 -12.39 21.23
N GLU A 46 29.10 -12.05 22.42
CA GLU A 46 28.23 -11.56 23.49
C GLU A 46 27.99 -10.07 23.37
N LEU A 47 29.02 -9.32 22.96
CA LEU A 47 28.92 -7.87 22.90
C LEU A 47 27.89 -7.42 21.88
N ALA A 48 27.82 -8.12 20.74
CA ALA A 48 26.84 -7.76 19.72
C ALA A 48 25.43 -7.82 20.27
N LEU A 49 25.12 -8.85 21.06
CA LEU A 49 23.80 -8.93 21.68
C LEU A 49 23.56 -7.77 22.64
N TYR A 50 24.60 -7.33 23.34
CA TYR A 50 24.44 -6.19 24.25
C TYR A 50 24.13 -4.92 23.49
N GLU A 51 24.81 -4.70 22.36
CA GLU A 51 24.52 -3.51 21.56
C GLU A 51 23.12 -3.58 20.96
N ILE A 52 22.70 -4.77 20.51
CA ILE A 52 21.35 -4.94 20.01
C ILE A 52 20.33 -4.61 21.09
N ARG A 53 20.60 -5.07 22.32
CA ARG A 53 19.68 -4.79 23.43
C ARG A 53 19.67 -3.31 23.77
N LYS A 54 20.82 -2.65 23.70
CA LYS A 54 20.90 -1.25 24.09
C LYS A 54 20.24 -0.34 23.07
N TYR A 55 20.40 -0.63 21.79
CA TYR A 55 19.96 0.31 20.77
C TYR A 55 18.48 0.14 20.44
N GLN A 56 17.89 -0.97 20.90
CA GLN A 56 16.45 -1.14 20.75
C GLN A 56 15.70 -0.47 21.89
N ARG A 57 16.37 -0.25 23.02
CA ARG A 57 15.72 0.41 24.15
C ARG A 57 15.57 1.91 23.91
N SER A 58 16.56 2.52 23.25
CA SER A 58 16.57 3.96 23.09
C SER A 58 15.58 4.40 22.03
N THR A 59 15.30 5.70 22.00
CA THR A 59 14.45 6.31 20.99
C THR A 59 15.12 7.50 20.31
N ASP A 60 16.43 7.69 20.54
CA ASP A 60 17.13 8.81 19.95
C ASP A 60 17.35 8.57 18.45
N LEU A 61 17.80 9.62 17.78
CA LEU A 61 18.10 9.53 16.36
C LEU A 61 19.54 9.04 16.20
N LEU A 62 19.73 7.98 15.42
CA LEU A 62 21.05 7.34 15.37
C LEU A 62 21.97 8.03 14.38
N ILE A 63 21.40 8.64 13.34
CA ILE A 63 22.20 9.41 12.38
C ILE A 63 22.45 10.79 12.95
N SER A 64 23.63 11.35 12.65
CA SER A 64 23.94 12.70 13.12
C SER A 64 23.07 13.73 12.41
N LYS A 65 22.94 14.91 13.02
CA LYS A 65 21.96 15.88 12.53
C LYS A 65 22.53 16.71 11.38
N ILE A 66 23.71 17.29 11.57
CA ILE A 66 24.30 18.18 10.57
C ILE A 66 24.58 17.46 9.25
N PRO A 67 25.17 16.25 9.25
CA PRO A 67 25.34 15.55 7.97
C PRO A 67 24.04 15.30 7.25
N PHE A 68 22.97 14.95 7.98
CA PHE A 68 21.69 14.72 7.35
C PHE A 68 21.12 16.01 6.78
N ALA A 69 21.29 17.13 7.49
CA ALA A 69 20.82 18.41 6.98
C ALA A 69 21.55 18.78 5.69
N ARG A 70 22.87 18.56 5.66
CA ARG A 70 23.63 18.80 4.44
C ARG A 70 23.14 17.92 3.30
N LEU A 71 22.88 16.65 3.58
CA LEU A 71 22.42 15.74 2.53
C LEU A 71 21.05 16.14 1.99
N VAL A 72 20.15 16.57 2.88
CA VAL A 72 18.83 17.03 2.45
C VAL A 72 18.94 18.29 1.61
N LYS A 73 19.84 19.21 1.99
CA LYS A 73 19.99 20.42 1.21
C LYS A 73 20.64 20.14 -0.15
N GLU A 74 21.53 19.13 -0.20
CA GLU A 74 22.10 18.75 -1.50
C GLU A 74 21.05 18.11 -2.41
N VAL A 75 20.22 17.21 -1.86
CA VAL A 75 19.24 16.50 -2.68
C VAL A 75 18.20 17.48 -3.21
N THR A 76 17.85 18.50 -2.42
CA THR A 76 16.83 19.45 -2.83
C THR A 76 17.23 20.21 -4.09
N ASP A 77 18.54 20.35 -4.34
CA ASP A 77 18.98 21.10 -5.50
C ASP A 77 18.62 20.40 -6.80
N GLU A 78 18.68 19.06 -6.81
CA GLU A 78 18.38 18.33 -8.04
C GLU A 78 16.94 18.56 -8.49
N PHE A 79 16.09 19.04 -7.58
CA PHE A 79 14.68 19.23 -7.91
C PHE A 79 14.37 20.71 -8.15
N THR A 80 15.04 21.60 -7.40
CA THR A 80 14.86 23.05 -7.57
C THR A 80 16.15 23.75 -7.15
N THR A 81 16.95 24.15 -8.13
CA THR A 81 18.12 24.99 -7.90
C THR A 81 18.36 26.00 -9.02
N LYS A 82 17.45 26.11 -9.99
CA LYS A 82 17.72 26.92 -11.18
C LYS A 82 17.90 28.38 -10.81
N ASP A 83 16.87 29.01 -10.25
CA ASP A 83 16.96 30.40 -9.81
C ASP A 83 16.34 30.46 -8.42
N GLN A 84 15.59 29.42 -8.07
CA GLN A 84 14.88 29.34 -6.81
C GLN A 84 15.61 28.33 -5.92
N ASP A 85 16.26 28.82 -4.87
CA ASP A 85 16.83 27.98 -3.83
C ASP A 85 15.85 27.94 -2.67
N LEU A 86 15.37 26.75 -2.33
CA LEU A 86 14.42 26.61 -1.25
C LEU A 86 15.15 26.59 0.09
N ARG A 87 14.42 26.96 1.14
CA ARG A 87 14.92 26.93 2.51
C ARG A 87 14.18 25.84 3.27
N TRP A 88 14.80 25.33 4.32
CA TRP A 88 14.27 24.18 5.05
C TRP A 88 14.05 24.57 6.50
N GLN A 89 12.82 24.44 6.97
CA GLN A 89 12.55 24.63 8.39
C GLN A 89 13.24 23.53 9.19
N SER A 90 13.62 23.86 10.43
CA SER A 90 14.30 22.89 11.28
C SER A 90 13.39 21.70 11.57
N MET A 91 12.12 21.96 11.86
CA MET A 91 11.20 20.89 12.21
C MET A 91 10.92 19.99 11.01
N ALA A 92 10.96 20.55 9.80
CA ALA A 92 10.84 19.73 8.60
C ALA A 92 12.01 18.76 8.49
N ILE A 93 13.23 19.25 8.77
CA ILE A 93 14.39 18.38 8.76
C ILE A 93 14.26 17.28 9.81
N MET A 94 13.77 17.64 11.00
CA MET A 94 13.60 16.62 12.04
C MET A 94 12.59 15.56 11.63
N ALA A 95 11.46 15.97 11.05
CA ALA A 95 10.46 15.01 10.61
C ALA A 95 11.00 14.10 9.52
N LEU A 96 11.73 14.68 8.57
CA LEU A 96 12.29 13.87 7.49
C LEU A 96 13.32 12.88 8.01
N GLN A 97 14.12 13.30 9.00
CA GLN A 97 15.09 12.39 9.60
C GLN A 97 14.41 11.23 10.33
N GLU A 98 13.35 11.53 11.08
CA GLU A 98 12.62 10.46 11.77
C GLU A 98 12.05 9.46 10.77
N ALA A 99 11.44 9.96 9.69
CA ALA A 99 10.89 9.06 8.70
C ALA A 99 11.98 8.22 8.03
N SER A 100 13.09 8.85 7.68
CA SER A 100 14.18 8.13 7.01
C SER A 100 14.74 7.04 7.90
N GLU A 101 14.97 7.34 9.18
CA GLU A 101 15.53 6.34 10.07
C GLU A 101 14.55 5.20 10.30
N ALA A 102 13.25 5.50 10.41
CA ALA A 102 12.28 4.42 10.57
C ALA A 102 12.30 3.49 9.35
N TYR A 103 12.33 4.08 8.15
CA TYR A 103 12.39 3.26 6.94
C TYR A 103 13.64 2.40 6.92
N LEU A 104 14.79 2.99 7.25
CA LEU A 104 16.05 2.24 7.20
C LEU A 104 16.04 1.10 8.20
N VAL A 105 15.55 1.35 9.43
CA VAL A 105 15.51 0.30 10.43
C VAL A 105 14.60 -0.85 9.97
N GLY A 106 13.42 -0.52 9.44
CA GLY A 106 12.54 -1.58 8.97
C GLY A 106 13.13 -2.41 7.85
N LEU A 107 13.80 -1.74 6.90
CA LEU A 107 14.44 -2.46 5.80
C LEU A 107 15.55 -3.36 6.33
N LEU A 108 16.29 -2.90 7.34
CA LEU A 108 17.35 -3.74 7.90
C LEU A 108 16.79 -4.92 8.68
N GLU A 109 15.63 -4.75 9.32
CA GLU A 109 14.98 -5.90 9.95
C GLU A 109 14.61 -6.95 8.91
N HIS A 110 14.05 -6.53 7.78
CA HIS A 110 13.70 -7.49 6.73
C HIS A 110 14.95 -8.12 6.12
N THR A 111 16.03 -7.34 5.99
CA THR A 111 17.29 -7.91 5.50
C THR A 111 17.82 -8.97 6.45
N ASN A 112 17.74 -8.72 7.77
CA ASN A 112 18.18 -9.72 8.74
C ASN A 112 17.32 -10.96 8.68
N LEU A 113 16.00 -10.79 8.47
CA LEU A 113 15.14 -11.95 8.26
C LEU A 113 15.57 -12.74 7.03
N LEU A 114 16.02 -12.04 5.99
CA LEU A 114 16.46 -12.73 4.78
C LEU A 114 17.77 -13.48 5.00
N ALA A 115 18.69 -12.89 5.77
CA ALA A 115 19.97 -13.55 6.01
C ALA A 115 19.80 -14.86 6.76
N LEU A 116 18.91 -14.89 7.75
CA LEU A 116 18.69 -16.12 8.50
C LEU A 116 18.02 -17.19 7.64
N HIS A 117 17.28 -16.77 6.61
CA HIS A 117 16.67 -17.73 5.69
C HIS A 117 17.73 -18.55 4.97
N ALA A 118 18.82 -17.91 4.55
CA ALA A 118 19.92 -18.59 3.91
C ALA A 118 20.89 -19.20 4.91
N LYS A 119 20.54 -19.22 6.20
CA LYS A 119 21.35 -19.79 7.26
C LYS A 119 22.69 -19.06 7.38
N ARG A 120 22.63 -17.75 7.59
CA ARG A 120 23.78 -16.91 7.82
C ARG A 120 23.53 -15.98 8.99
N ILE A 121 24.61 -15.38 9.50
CA ILE A 121 24.49 -14.30 10.48
C ILE A 121 24.86 -12.95 9.86
N THR A 122 25.71 -12.94 8.83
CA THR A 122 26.13 -11.75 8.13
C THR A 122 25.02 -11.34 7.16
N ILE A 123 24.58 -10.08 7.25
CA ILE A 123 23.68 -9.56 6.23
C ILE A 123 24.51 -9.03 5.07
N MET A 124 24.14 -9.43 3.86
CA MET A 124 24.90 -9.11 2.66
C MET A 124 24.05 -8.25 1.73
N LYS A 125 24.68 -7.79 0.64
CA LYS A 125 24.02 -6.84 -0.25
C LYS A 125 22.86 -7.49 -0.98
N LYS A 126 22.99 -8.76 -1.35
CA LYS A 126 21.91 -9.46 -2.03
C LYS A 126 20.68 -9.57 -1.14
N ASP A 127 20.88 -9.69 0.18
CA ASP A 127 19.77 -9.70 1.11
C ASP A 127 18.97 -8.41 1.02
N MET A 128 19.66 -7.27 1.04
CA MET A 128 18.99 -5.98 1.00
C MET A 128 18.29 -5.78 -0.34
N GLN A 129 18.93 -6.17 -1.43
CA GLN A 129 18.33 -6.01 -2.74
C GLN A 129 17.08 -6.88 -2.89
N LEU A 130 17.14 -8.13 -2.40
CA LEU A 130 15.97 -9.00 -2.47
C LEU A 130 14.84 -8.48 -1.57
N ALA A 131 15.17 -7.97 -0.39
CA ALA A 131 14.15 -7.42 0.48
C ALA A 131 13.46 -6.22 -0.17
N ARG A 132 14.24 -5.34 -0.80
CA ARG A 132 13.65 -4.22 -1.54
C ARG A 132 12.77 -4.71 -2.67
N ARG A 133 13.22 -5.71 -3.42
CA ARG A 133 12.42 -6.22 -4.54
C ARG A 133 11.10 -6.81 -4.06
N ILE A 134 11.13 -7.57 -2.97
CA ILE A 134 9.93 -8.23 -2.51
C ILE A 134 8.96 -7.23 -1.88
N ARG A 135 9.50 -6.23 -1.17
CA ARG A 135 8.64 -5.17 -0.63
C ARG A 135 7.89 -4.46 -1.75
N GLY A 136 8.57 -4.16 -2.85
CA GLY A 136 7.93 -3.64 -4.04
C GLY A 136 7.81 -2.13 -4.12
N GLN A 137 8.21 -1.40 -3.08
CA GLN A 137 8.11 0.05 -3.08
C GLN A 137 9.47 0.63 -2.74
N PHE A 138 9.80 1.76 -3.36
CA PHE A 138 11.07 2.44 -3.11
C PHE A 138 10.87 3.72 -2.31
N ASP B 25 32.26 14.68 0.85
CA ASP B 25 30.99 14.45 0.18
C ASP B 25 29.89 14.44 1.25
N ASN B 26 28.65 14.71 0.83
CA ASN B 26 27.56 14.80 1.79
C ASN B 26 26.95 13.42 2.06
N ILE B 27 27.02 12.52 1.08
CA ILE B 27 26.55 11.16 1.30
C ILE B 27 27.48 10.43 2.25
N GLN B 28 28.76 10.78 2.24
CA GLN B 28 29.71 10.15 3.14
C GLN B 28 29.53 10.62 4.57
N GLY B 29 28.69 11.63 4.77
CA GLY B 29 28.38 12.11 6.11
C GLY B 29 27.62 11.08 6.90
N ILE B 30 26.89 10.21 6.21
CA ILE B 30 26.23 9.07 6.84
C ILE B 30 27.28 8.01 7.07
N THR B 31 27.86 8.00 8.26
CA THR B 31 29.09 7.27 8.51
C THR B 31 28.83 5.78 8.75
N LYS B 32 29.92 5.02 8.75
CA LYS B 32 29.83 3.60 9.06
C LYS B 32 29.25 3.32 10.45
N PRO B 33 29.71 3.96 11.54
CA PRO B 33 29.12 3.67 12.84
C PRO B 33 27.62 3.94 12.90
N ALA B 34 27.15 4.97 12.21
CA ALA B 34 25.71 5.25 12.22
C ALA B 34 24.93 4.13 11.56
N ILE B 35 25.43 3.58 10.45
CA ILE B 35 24.77 2.46 9.79
C ILE B 35 24.80 1.23 10.69
N ARG B 36 25.93 1.00 11.38
CA ARG B 36 25.97 -0.12 12.31
C ARG B 36 24.96 0.05 13.44
N ARG B 37 24.81 1.28 13.94
CA ARG B 37 23.84 1.55 14.99
C ARG B 37 22.42 1.28 14.50
N LEU B 38 22.11 1.73 13.28
CA LEU B 38 20.81 1.47 12.69
C LEU B 38 20.57 -0.02 12.52
N ALA B 39 21.61 -0.77 12.16
CA ALA B 39 21.49 -2.22 12.01
C ALA B 39 21.27 -2.91 13.34
N ARG B 40 21.94 -2.43 14.40
CA ARG B 40 21.72 -2.98 15.73
C ARG B 40 20.29 -2.77 16.16
N ARG B 41 19.73 -1.59 15.90
CA ARG B 41 18.31 -1.38 16.21
C ARG B 41 17.42 -2.30 15.40
N GLY B 42 17.91 -2.78 14.25
CA GLY B 42 17.18 -3.78 13.49
C GLY B 42 17.42 -5.21 13.95
N GLY B 43 18.37 -5.41 14.86
CA GLY B 43 18.67 -6.74 15.35
C GLY B 43 19.73 -7.49 14.60
N VAL B 44 20.63 -6.80 13.91
CA VAL B 44 21.63 -7.46 13.06
C VAL B 44 22.86 -7.77 13.90
N LYS B 45 23.35 -9.02 13.81
CA LYS B 45 24.44 -9.45 14.67
C LYS B 45 25.79 -9.06 14.10
N ARG B 46 25.98 -9.19 12.78
CA ARG B 46 27.21 -8.75 12.15
C ARG B 46 26.93 -8.35 10.71
N ILE B 47 27.64 -7.31 10.26
CA ILE B 47 27.35 -6.62 9.00
C ILE B 47 28.49 -6.85 8.03
N SER B 48 28.14 -7.21 6.79
CA SER B 48 29.14 -7.32 5.74
C SER B 48 29.71 -5.95 5.40
N GLY B 49 30.76 -5.94 4.58
CA GLY B 49 31.44 -4.69 4.26
C GLY B 49 30.79 -3.95 3.12
N LEU B 50 30.06 -4.67 2.26
CA LEU B 50 29.47 -4.03 1.08
C LEU B 50 28.10 -3.43 1.41
N ILE B 51 27.61 -3.64 2.64
CA ILE B 51 26.30 -3.13 3.03
C ILE B 51 26.26 -1.61 3.08
N TYR B 52 27.35 -0.99 3.52
CA TYR B 52 27.31 0.44 3.84
C TYR B 52 26.98 1.29 2.62
N GLU B 53 27.59 0.99 1.48
CA GLU B 53 27.30 1.77 0.27
C GLU B 53 25.89 1.49 -0.23
N GLU B 54 25.42 0.25 -0.06
CA GLU B 54 24.05 -0.08 -0.45
C GLU B 54 23.03 0.64 0.42
N VAL B 55 23.29 0.72 1.72
CA VAL B 55 22.40 1.49 2.61
C VAL B 55 22.42 2.95 2.24
N ARG B 56 23.59 3.48 1.88
CA ARG B 56 23.65 4.88 1.45
C ARG B 56 22.81 5.09 0.20
N ALA B 57 22.88 4.18 -0.76
CA ALA B 57 22.07 4.31 -1.98
C ALA B 57 20.58 4.24 -1.66
N VAL B 58 20.19 3.32 -0.78
CA VAL B 58 18.77 3.17 -0.41
C VAL B 58 18.24 4.43 0.25
N LEU B 59 19.00 4.96 1.21
CA LEU B 59 18.60 6.19 1.88
C LEU B 59 18.50 7.34 0.88
N LYS B 60 19.45 7.44 -0.04
CA LYS B 60 19.40 8.52 -1.01
C LYS B 60 18.17 8.43 -1.89
N SER B 61 17.79 7.22 -2.32
CA SER B 61 16.62 7.09 -3.18
C SER B 61 15.33 7.43 -2.43
N PHE B 62 15.21 6.97 -1.19
CA PHE B 62 14.09 7.37 -0.34
C PHE B 62 14.01 8.89 -0.25
N LEU B 63 15.13 9.53 0.02
CA LEU B 63 15.15 10.98 0.14
C LEU B 63 14.74 11.66 -1.16
N GLU B 64 15.21 11.15 -2.30
CA GLU B 64 14.83 11.77 -3.57
C GLU B 64 13.31 11.74 -3.76
N SER B 65 12.68 10.58 -3.52
CA SER B 65 11.24 10.52 -3.70
C SER B 65 10.50 11.48 -2.76
N VAL B 66 10.83 11.41 -1.47
CA VAL B 66 10.09 12.21 -0.49
C VAL B 66 10.32 13.70 -0.71
N ILE B 67 11.56 14.08 -0.99
CA ILE B 67 11.87 15.50 -1.18
C ILE B 67 11.28 16.02 -2.48
N ARG B 68 11.17 15.18 -3.51
CA ARG B 68 10.49 15.63 -4.72
C ARG B 68 9.04 15.98 -4.44
N ASP B 69 8.32 15.09 -3.74
CA ASP B 69 6.94 15.41 -3.41
C ASP B 69 6.83 16.63 -2.50
N SER B 70 7.74 16.74 -1.52
CA SER B 70 7.72 17.88 -0.60
C SER B 70 7.97 19.20 -1.31
N VAL B 71 8.91 19.21 -2.25
CA VAL B 71 9.21 20.43 -2.99
C VAL B 71 8.05 20.81 -3.89
N THR B 72 7.39 19.82 -4.49
CA THR B 72 6.19 20.12 -5.28
C THR B 72 5.13 20.80 -4.42
N TYR B 73 4.88 20.24 -3.24
CA TYR B 73 3.90 20.84 -2.33
C TYR B 73 4.30 22.26 -1.95
N THR B 74 5.59 22.48 -1.66
CA THR B 74 6.04 23.81 -1.23
C THR B 74 5.88 24.83 -2.35
N GLU B 75 6.22 24.45 -3.58
CA GLU B 75 6.15 25.41 -4.68
C GLU B 75 4.73 25.68 -5.11
N HIS B 76 3.81 24.73 -4.88
CA HIS B 76 2.42 25.02 -5.20
C HIS B 76 1.89 26.20 -4.39
N ALA B 77 2.25 26.28 -3.12
CA ALA B 77 1.81 27.33 -2.23
C ALA B 77 2.58 28.63 -2.41
N LYS B 78 3.45 28.71 -3.41
CA LYS B 78 4.23 29.92 -3.70
C LYS B 78 5.06 30.34 -2.49
N ARG B 79 5.75 29.37 -1.89
CA ARG B 79 6.57 29.59 -0.72
C ARG B 79 8.03 29.30 -1.05
N LYS B 80 8.93 29.96 -0.33
CA LYS B 80 10.36 29.76 -0.49
C LYS B 80 10.96 28.88 0.60
N THR B 81 10.14 28.35 1.50
CA THR B 81 10.61 27.54 2.61
C THR B 81 9.78 26.27 2.71
N VAL B 82 10.43 25.16 3.04
CA VAL B 82 9.75 23.88 3.19
C VAL B 82 9.36 23.73 4.65
N THR B 83 8.05 23.72 4.90
CA THR B 83 7.56 23.65 6.27
C THR B 83 7.44 22.20 6.72
N SER B 84 7.10 22.04 8.00
CA SER B 84 6.95 20.70 8.56
C SER B 84 5.72 20.00 8.03
N LEU B 85 4.79 20.75 7.46
CA LEU B 85 3.56 20.16 6.94
C LEU B 85 3.78 19.58 5.55
N ASP B 86 4.66 20.19 4.75
CA ASP B 86 4.94 19.68 3.42
C ASP B 86 5.56 18.29 3.49
N VAL B 87 6.47 18.08 4.44
CA VAL B 87 7.09 16.78 4.60
C VAL B 87 6.06 15.73 5.02
N VAL B 88 5.15 16.11 5.92
CA VAL B 88 4.15 15.17 6.40
C VAL B 88 3.21 14.75 5.27
N TYR B 89 2.76 15.72 4.47
CA TYR B 89 1.90 15.40 3.33
C TYR B 89 2.62 14.56 2.29
N ALA B 90 3.89 14.89 2.01
CA ALA B 90 4.66 14.09 1.06
C ALA B 90 4.81 12.66 1.56
N LEU B 91 5.01 12.50 2.87
CA LEU B 91 5.11 11.17 3.46
C LEU B 91 3.79 10.41 3.34
N LYS B 92 2.68 11.09 3.61
CA LYS B 92 1.37 10.43 3.59
C LYS B 92 0.98 10.04 2.18
N ARG B 93 1.45 10.79 1.18
CA ARG B 93 1.17 10.44 -0.21
C ARG B 93 1.68 9.06 -0.57
N GLN B 94 2.74 8.62 0.09
CA GLN B 94 3.38 7.35 -0.24
C GLN B 94 3.09 6.24 0.76
N GLY B 95 2.04 6.41 1.57
CA GLY B 95 1.70 5.39 2.55
C GLY B 95 2.77 5.19 3.61
N ARG B 96 3.34 6.29 4.10
CA ARG B 96 4.37 6.24 5.14
C ARG B 96 3.99 7.29 6.20
N THR B 97 2.73 7.23 6.65
CA THR B 97 2.18 8.22 7.56
C THR B 97 3.06 8.40 8.78
N LEU B 98 3.15 9.64 9.26
CA LEU B 98 4.02 10.01 10.36
C LEU B 98 3.25 10.84 11.37
N TYR B 99 3.26 10.40 12.63
CA TYR B 99 2.54 11.07 13.71
C TYR B 99 3.52 11.86 14.56
N GLY B 100 3.10 13.07 14.92
CA GLY B 100 3.86 13.86 15.89
C GLY B 100 4.36 15.19 15.38
N PHE B 101 3.99 15.60 14.17
CA PHE B 101 4.49 16.83 13.57
C PHE B 101 3.38 17.65 12.94
N GLY B 102 2.13 17.28 13.17
CA GLY B 102 1.01 17.98 12.56
C GLY B 102 0.19 17.07 11.66
N GLY B 103 -0.78 17.68 10.99
CA GLY B 103 -1.66 16.94 10.11
C GLY B 103 -2.75 16.18 10.84
N ALA C 15 -23.09 29.87 -34.58
CA ALA C 15 -23.25 28.47 -34.25
C ALA C 15 -22.68 28.17 -32.87
N SER C 16 -22.93 26.96 -32.38
CA SER C 16 -22.46 26.53 -31.07
C SER C 16 -21.30 25.55 -31.25
N GLN C 17 -20.17 25.87 -30.63
CA GLN C 17 -18.99 25.03 -30.68
C GLN C 17 -18.80 24.35 -29.34
N SER C 18 -18.66 23.03 -29.35
CA SER C 18 -18.43 22.29 -28.11
C SER C 18 -17.07 22.67 -27.53
N ARG C 19 -16.97 22.55 -26.20
CA ARG C 19 -15.76 22.97 -25.52
C ARG C 19 -14.58 22.08 -25.88
N SER C 20 -14.84 20.80 -26.14
CA SER C 20 -13.77 19.91 -26.59
C SER C 20 -13.29 20.30 -27.98
N ALA C 21 -14.21 20.69 -28.86
CA ALA C 21 -13.81 21.19 -30.17
C ALA C 21 -13.13 22.54 -30.05
N LYS C 22 -13.53 23.34 -29.06
CA LYS C 22 -12.91 24.64 -28.84
C LYS C 22 -11.44 24.49 -28.45
N ALA C 23 -11.13 23.49 -27.63
CA ALA C 23 -9.78 23.24 -27.17
C ALA C 23 -9.02 22.23 -28.03
N GLY C 24 -9.65 21.69 -29.05
CA GLY C 24 -8.97 20.71 -29.90
C GLY C 24 -8.74 19.37 -29.23
N LEU C 25 -9.79 18.79 -28.65
CA LEU C 25 -9.70 17.50 -27.97
C LEU C 25 -10.77 16.56 -28.50
N THR C 26 -10.59 15.26 -28.27
CA THR C 26 -11.63 14.29 -28.59
C THR C 26 -12.46 13.94 -27.37
N PHE C 27 -11.82 13.89 -26.19
CA PHE C 27 -12.51 13.53 -24.97
C PHE C 27 -13.42 14.69 -24.54
N PRO C 28 -14.49 14.38 -23.78
CA PRO C 28 -15.51 15.42 -23.50
C PRO C 28 -15.14 16.36 -22.36
N VAL C 29 -14.97 17.65 -22.68
CA VAL C 29 -14.68 18.64 -21.66
C VAL C 29 -15.91 18.90 -20.79
N GLY C 30 -17.09 18.97 -21.40
CA GLY C 30 -18.29 19.29 -20.64
C GLY C 30 -18.66 18.21 -19.64
N ARG C 31 -18.52 16.95 -20.03
CA ARG C 31 -18.83 15.85 -19.13
C ARG C 31 -17.81 15.78 -17.99
N VAL C 32 -16.55 16.11 -18.27
CA VAL C 32 -15.55 16.15 -17.21
C VAL C 32 -15.83 17.29 -16.25
N HIS C 33 -16.32 18.42 -16.77
CA HIS C 33 -16.77 19.51 -15.91
C HIS C 33 -17.92 19.05 -15.01
N ARG C 34 -18.88 18.32 -15.58
CA ARG C 34 -20.02 17.87 -14.81
C ARG C 34 -19.62 16.87 -13.73
N LEU C 35 -18.70 15.96 -14.06
CA LEU C 35 -18.29 14.96 -13.08
C LEU C 35 -17.50 15.59 -11.94
N LEU C 36 -16.81 16.69 -12.20
CA LEU C 36 -16.07 17.38 -11.16
C LEU C 36 -17.01 18.13 -10.23
N ARG C 37 -18.12 18.65 -10.77
CA ARG C 37 -19.05 19.43 -9.97
C ARG C 37 -19.81 18.55 -8.99
N ARG C 38 -20.22 17.36 -9.41
CA ARG C 38 -21.00 16.46 -8.58
C ARG C 38 -20.14 15.46 -7.81
N GLY C 39 -18.82 15.50 -7.96
CA GLY C 39 -17.96 14.53 -7.33
C GLY C 39 -17.47 14.88 -5.95
N ASN C 40 -17.91 16.02 -5.41
CA ASN C 40 -17.60 16.43 -4.03
C ASN C 40 -16.10 16.65 -3.83
N TYR C 41 -15.45 17.32 -4.79
CA TYR C 41 -14.03 17.60 -4.66
C TYR C 41 -13.78 18.98 -4.08
N ALA C 42 -14.51 19.99 -4.57
CA ALA C 42 -14.35 21.34 -4.05
C ALA C 42 -15.66 22.09 -4.23
N GLN C 43 -15.79 23.19 -3.49
CA GLN C 43 -16.98 24.02 -3.59
C GLN C 43 -17.12 24.64 -4.97
N ARG C 44 -16.00 25.08 -5.55
CA ARG C 44 -15.98 25.78 -6.83
C ARG C 44 -15.04 25.06 -7.77
N ILE C 45 -15.36 25.07 -9.06
CA ILE C 45 -14.54 24.43 -10.09
C ILE C 45 -14.21 25.47 -11.15
N GLY C 46 -12.92 25.77 -11.32
CA GLY C 46 -12.51 26.73 -12.33
C GLY C 46 -12.78 26.21 -13.73
N SER C 47 -12.82 27.14 -14.69
CA SER C 47 -13.15 26.79 -16.05
C SER C 47 -11.97 26.12 -16.76
N GLY C 48 -10.76 26.32 -16.24
CA GLY C 48 -9.59 25.74 -16.87
C GLY C 48 -9.32 24.31 -16.41
N ALA C 49 -9.90 23.90 -15.30
CA ALA C 49 -9.66 22.55 -14.80
C ALA C 49 -10.22 21.46 -15.70
N PRO C 50 -11.48 21.53 -16.18
CA PRO C 50 -11.94 20.48 -17.10
C PRO C 50 -11.09 20.33 -18.34
N VAL C 51 -10.61 21.43 -18.91
CA VAL C 51 -9.83 21.36 -20.14
C VAL C 51 -8.49 20.69 -19.89
N TYR C 52 -7.81 21.08 -18.81
CA TYR C 52 -6.56 20.44 -18.43
C TYR C 52 -6.76 18.95 -18.18
N LEU C 53 -7.77 18.60 -17.38
CA LEU C 53 -7.98 17.19 -17.04
C LEU C 53 -8.33 16.37 -18.27
N THR C 54 -9.13 16.94 -19.18
CA THR C 54 -9.49 16.25 -20.40
C THR C 54 -8.28 16.02 -21.28
N ALA C 55 -7.40 17.03 -21.39
CA ALA C 55 -6.18 16.85 -22.18
C ALA C 55 -5.30 15.77 -21.60
N VAL C 56 -5.14 15.74 -20.27
CA VAL C 56 -4.31 14.72 -19.64
C VAL C 56 -4.90 13.33 -19.86
N LEU C 57 -6.21 13.18 -19.67
CA LEU C 57 -6.83 11.87 -19.85
C LEU C 57 -6.72 11.40 -21.29
N GLU C 58 -6.94 12.29 -22.26
CA GLU C 58 -6.82 11.91 -23.65
C GLU C 58 -5.39 11.50 -23.99
N TYR C 59 -4.40 12.25 -23.49
CA TYR C 59 -3.02 11.88 -23.74
C TYR C 59 -2.70 10.50 -23.19
N LEU C 60 -3.09 10.23 -21.94
CA LEU C 60 -2.77 8.94 -21.34
C LEU C 60 -3.44 7.80 -22.09
N ALA C 61 -4.72 7.96 -22.42
CA ALA C 61 -5.44 6.92 -23.15
C ALA C 61 -4.83 6.68 -24.52
N ALA C 62 -4.45 7.75 -25.22
CA ALA C 62 -3.85 7.59 -26.55
C ALA C 62 -2.51 6.89 -26.46
N GLU C 63 -1.70 7.22 -25.46
CA GLU C 63 -0.40 6.56 -25.28
C GLU C 63 -0.58 5.06 -25.07
N ILE C 64 -1.45 4.67 -24.15
CA ILE C 64 -1.63 3.25 -23.88
C ILE C 64 -2.26 2.55 -25.08
N LEU C 65 -3.21 3.19 -25.75
CA LEU C 65 -3.83 2.57 -26.92
C LEU C 65 -2.82 2.34 -28.04
N GLU C 66 -1.92 3.29 -28.27
CA GLU C 66 -0.97 3.11 -29.36
C GLU C 66 0.08 2.07 -29.01
N LEU C 67 0.52 2.02 -27.75
CA LEU C 67 1.42 0.94 -27.36
C LEU C 67 0.76 -0.43 -27.50
N ALA C 68 -0.50 -0.53 -27.10
CA ALA C 68 -1.23 -1.80 -27.24
C ALA C 68 -1.41 -2.17 -28.71
N GLY C 69 -1.66 -1.18 -29.57
CA GLY C 69 -1.77 -1.47 -30.98
C GLY C 69 -0.46 -1.95 -31.59
N ASN C 70 0.65 -1.35 -31.19
CA ASN C 70 1.95 -1.84 -31.63
C ASN C 70 2.18 -3.26 -31.16
N ALA C 71 1.79 -3.57 -29.92
CA ALA C 71 1.92 -4.95 -29.44
C ALA C 71 1.06 -5.90 -30.25
N ALA C 72 -0.16 -5.47 -30.61
CA ALA C 72 -1.05 -6.33 -31.39
C ALA C 72 -0.52 -6.57 -32.79
N ARG C 73 0.11 -5.56 -33.39
CA ARG C 73 0.65 -5.73 -34.74
C ARG C 73 1.72 -6.80 -34.79
N ASP C 74 2.57 -6.85 -33.75
CA ASP C 74 3.73 -7.75 -33.80
C ASP C 74 3.30 -9.21 -33.73
N ASN C 75 2.07 -9.47 -33.33
CA ASN C 75 1.50 -10.81 -33.38
C ASN C 75 0.67 -11.04 -34.63
N LYS C 76 0.79 -10.16 -35.63
CA LYS C 76 -0.03 -10.22 -36.84
C LYS C 76 -1.51 -10.21 -36.50
N LYS C 77 -1.89 -9.37 -35.55
CA LYS C 77 -3.25 -9.29 -35.05
C LYS C 77 -3.86 -7.93 -35.38
N THR C 78 -5.16 -7.93 -35.63
CA THR C 78 -5.91 -6.70 -35.89
C THR C 78 -6.71 -6.24 -34.68
N ARG C 79 -7.08 -7.16 -33.80
CA ARG C 79 -7.89 -6.89 -32.63
C ARG C 79 -7.00 -6.70 -31.40
N ILE C 80 -7.41 -5.82 -30.50
CA ILE C 80 -6.71 -5.65 -29.24
C ILE C 80 -7.43 -6.43 -28.16
N ILE C 81 -6.68 -7.28 -27.44
CA ILE C 81 -7.26 -8.08 -26.36
C ILE C 81 -6.54 -7.69 -25.07
N PRO C 82 -7.04 -8.06 -23.88
CA PRO C 82 -6.38 -7.58 -22.65
C PRO C 82 -4.94 -8.03 -22.53
N ARG C 83 -4.53 -9.07 -23.24
CA ARG C 83 -3.14 -9.48 -23.21
C ARG C 83 -2.25 -8.40 -23.79
N HIS C 84 -2.70 -7.70 -24.83
CA HIS C 84 -1.88 -6.65 -25.42
C HIS C 84 -1.76 -5.45 -24.48
N LEU C 85 -2.84 -5.11 -23.77
CA LEU C 85 -2.73 -4.05 -22.77
C LEU C 85 -1.77 -4.43 -21.66
N GLN C 86 -1.85 -5.68 -21.18
CA GLN C 86 -0.93 -6.11 -20.14
C GLN C 86 0.52 -6.06 -20.62
N LEU C 87 0.77 -6.52 -21.85
CA LEU C 87 2.12 -6.45 -22.40
C LEU C 87 2.59 -5.01 -22.52
N ALA C 88 1.70 -4.12 -22.96
CA ALA C 88 2.08 -2.71 -23.13
C ALA C 88 2.46 -2.07 -21.81
N ILE C 89 1.69 -2.31 -20.75
CA ILE C 89 1.97 -1.66 -19.47
C ILE C 89 3.18 -2.29 -18.79
N ARG C 90 3.24 -3.62 -18.74
CA ARG C 90 4.31 -4.26 -17.98
C ARG C 90 5.66 -4.14 -18.66
N ASN C 91 5.67 -3.88 -19.98
CA ASN C 91 6.93 -3.73 -20.69
C ASN C 91 7.47 -2.30 -20.60
N ASP C 92 6.69 -1.42 -19.98
CA ASP C 92 7.09 -0.01 -19.86
C ASP C 92 7.31 0.31 -18.39
N ASP C 93 8.23 1.23 -18.11
CA ASP C 93 8.63 1.46 -16.73
C ASP C 93 7.71 2.45 -16.03
N GLU C 94 7.47 3.61 -16.62
CA GLU C 94 6.60 4.59 -15.99
C GLU C 94 5.16 4.13 -15.98
N LEU C 95 4.72 3.46 -17.04
CA LEU C 95 3.37 2.90 -17.07
C LEU C 95 3.23 1.80 -16.02
N ASN C 96 4.32 1.11 -15.72
CA ASN C 96 4.27 0.10 -14.67
C ASN C 96 4.22 0.74 -13.28
N LYS C 97 4.94 1.84 -13.09
CA LYS C 97 4.86 2.55 -11.82
C LYS C 97 3.47 3.12 -11.59
N LEU C 98 2.85 3.66 -12.64
CA LEU C 98 1.50 4.20 -12.51
C LEU C 98 0.50 3.10 -12.14
N LEU C 99 0.67 1.92 -12.72
CA LEU C 99 -0.23 0.78 -12.51
C LEU C 99 0.45 -0.31 -11.69
N GLY C 100 1.19 0.08 -10.65
CA GLY C 100 1.94 -0.89 -9.89
C GLY C 100 1.06 -1.92 -9.19
N ASN C 101 -0.01 -1.46 -8.55
CA ASN C 101 -0.94 -2.33 -7.86
C ASN C 101 -2.31 -2.27 -8.55
N VAL C 102 -2.36 -2.99 -9.67
CA VAL C 102 -3.53 -3.07 -10.53
C VAL C 102 -3.49 -4.44 -11.21
N THR C 103 -4.61 -5.16 -11.13
CA THR C 103 -4.78 -6.41 -11.85
C THR C 103 -5.57 -6.16 -13.13
N ILE C 104 -5.20 -6.82 -14.21
CA ILE C 104 -5.88 -6.72 -15.49
C ILE C 104 -6.46 -8.08 -15.82
N ALA C 105 -7.78 -8.16 -15.92
CA ALA C 105 -8.43 -9.44 -16.17
C ALA C 105 -7.98 -10.02 -17.50
N GLN C 106 -7.63 -11.30 -17.49
CA GLN C 106 -7.15 -12.04 -18.65
C GLN C 106 -5.85 -11.49 -19.21
N GLY C 107 -4.99 -10.91 -18.38
CA GLY C 107 -3.77 -10.33 -18.91
C GLY C 107 -2.59 -11.28 -18.86
N GLY C 108 -2.65 -12.27 -17.97
CA GLY C 108 -1.56 -13.21 -17.85
C GLY C 108 -0.39 -12.61 -17.09
N VAL C 109 0.78 -13.23 -17.28
CA VAL C 109 2.02 -12.75 -16.69
C VAL C 109 3.06 -12.61 -17.80
N LEU C 110 4.05 -11.76 -17.56
CA LEU C 110 5.10 -11.58 -18.54
C LEU C 110 5.93 -12.85 -18.65
N PRO C 111 6.39 -13.20 -19.86
CA PRO C 111 7.21 -14.41 -20.04
C PRO C 111 8.58 -14.25 -19.39
N ASN C 112 8.60 -14.35 -18.06
CA ASN C 112 9.77 -14.05 -17.25
C ASN C 112 10.25 -15.33 -16.59
N ILE C 113 11.41 -15.83 -17.02
CA ILE C 113 12.12 -16.90 -16.35
C ILE C 113 13.56 -16.47 -16.17
N HIS C 114 14.13 -16.76 -14.99
CA HIS C 114 15.50 -16.42 -14.68
C HIS C 114 16.12 -17.58 -13.91
N GLN C 115 17.29 -18.02 -14.36
CA GLN C 115 17.97 -19.16 -13.76
C GLN C 115 18.34 -18.90 -12.29
N ALA D 36 -29.46 8.68 -21.45
CA ALA D 36 -28.15 8.11 -21.13
C ALA D 36 -28.18 7.40 -19.78
N ARG D 37 -28.65 6.15 -19.78
CA ARG D 37 -28.71 5.38 -18.54
C ARG D 37 -27.32 5.03 -18.03
N LYS D 38 -26.46 4.51 -18.91
CA LYS D 38 -25.10 4.14 -18.56
C LYS D 38 -24.12 5.01 -19.34
N GLU D 39 -23.22 5.68 -18.64
CA GLU D 39 -22.25 6.58 -19.25
C GLU D 39 -20.88 5.91 -19.27
N THR D 40 -20.25 5.90 -20.44
CA THR D 40 -18.91 5.35 -20.60
C THR D 40 -18.09 6.27 -21.49
N TYR D 41 -16.79 6.03 -21.51
CA TYR D 41 -15.86 6.73 -22.39
C TYR D 41 -15.64 5.99 -23.71
N SER D 42 -16.39 4.91 -23.95
CA SER D 42 -16.10 4.03 -25.07
C SER D 42 -16.27 4.75 -26.40
N SER D 43 -17.17 5.73 -26.46
CA SER D 43 -17.38 6.45 -27.71
C SER D 43 -16.16 7.27 -28.11
N TYR D 44 -15.39 7.71 -27.12
CA TYR D 44 -14.25 8.58 -27.39
C TYR D 44 -12.97 7.77 -27.56
N ILE D 45 -12.89 6.61 -26.92
CA ILE D 45 -11.73 5.74 -27.07
C ILE D 45 -11.67 5.18 -28.49
N TYR D 46 -12.83 4.86 -29.06
CA TYR D 46 -12.89 4.45 -30.46
C TYR D 46 -12.34 5.53 -31.37
N LYS D 47 -12.73 6.78 -31.13
CA LYS D 47 -12.26 7.89 -31.95
C LYS D 47 -10.75 8.07 -31.83
N VAL D 48 -10.23 7.96 -30.61
CA VAL D 48 -8.79 8.14 -30.39
C VAL D 48 -8.00 7.02 -31.04
N LEU D 49 -8.50 5.80 -30.95
CA LEU D 49 -7.82 4.67 -31.57
C LEU D 49 -7.91 4.73 -33.09
N LYS D 50 -8.96 5.35 -33.62
CA LYS D 50 -9.13 5.40 -35.07
C LYS D 50 -8.22 6.45 -35.71
N GLN D 51 -7.42 7.14 -34.90
CA GLN D 51 -6.42 8.04 -35.46
C GLN D 51 -5.07 7.34 -35.61
N THR D 52 -4.59 6.71 -34.52
CA THR D 52 -3.29 6.04 -34.57
C THR D 52 -3.33 4.82 -35.48
N HIS D 53 -4.33 3.95 -35.29
CA HIS D 53 -4.44 2.71 -36.06
C HIS D 53 -5.82 2.64 -36.68
N PRO D 54 -5.99 3.13 -37.92
CA PRO D 54 -7.30 3.04 -38.57
C PRO D 54 -7.79 1.61 -38.77
N ASP D 55 -6.87 0.68 -39.04
CA ASP D 55 -7.28 -0.70 -39.28
C ASP D 55 -7.64 -1.43 -37.99
N THR D 56 -6.87 -1.19 -36.93
CA THR D 56 -6.99 -1.98 -35.72
C THR D 56 -8.30 -1.74 -35.00
N GLY D 57 -8.96 -2.84 -34.61
CA GLY D 57 -10.14 -2.76 -33.77
C GLY D 57 -9.79 -3.12 -32.34
N ILE D 58 -10.82 -3.15 -31.50
CA ILE D 58 -10.66 -3.40 -30.08
C ILE D 58 -11.85 -4.18 -29.56
N SER D 59 -11.59 -5.14 -28.68
CA SER D 59 -12.63 -6.02 -28.16
C SER D 59 -13.42 -5.34 -27.04
N GLN D 60 -14.46 -6.04 -26.59
CA GLN D 60 -15.32 -5.50 -25.54
C GLN D 60 -14.61 -5.47 -24.19
N LYS D 61 -13.92 -6.56 -23.85
CA LYS D 61 -13.22 -6.63 -22.57
C LYS D 61 -12.11 -5.57 -22.50
N SER D 62 -11.38 -5.38 -23.61
CA SER D 62 -10.34 -4.36 -23.65
C SER D 62 -10.93 -2.96 -23.47
N MET D 63 -12.09 -2.71 -24.08
CA MET D 63 -12.74 -1.42 -23.89
C MET D 63 -13.20 -1.22 -22.45
N SER D 64 -13.68 -2.28 -21.81
CA SER D 64 -14.03 -2.18 -20.39
C SER D 64 -12.81 -1.85 -19.56
N ILE D 65 -11.68 -2.49 -19.86
CA ILE D 65 -10.44 -2.22 -19.15
C ILE D 65 -10.03 -0.76 -19.31
N LEU D 66 -10.12 -0.23 -20.53
CA LEU D 66 -9.70 1.16 -20.76
C LEU D 66 -10.66 2.14 -20.10
N ASN D 67 -11.95 1.83 -20.08
CA ASN D 67 -12.90 2.66 -19.34
C ASN D 67 -12.53 2.70 -17.86
N SER D 68 -12.21 1.54 -17.29
CA SER D 68 -11.82 1.49 -15.88
C SER D 68 -10.54 2.29 -15.65
N PHE D 69 -9.59 2.20 -16.58
CA PHE D 69 -8.33 2.93 -16.44
C PHE D 69 -8.57 4.43 -16.43
N VAL D 70 -9.39 4.92 -17.35
CA VAL D 70 -9.64 6.36 -17.44
C VAL D 70 -10.37 6.85 -16.19
N ASN D 71 -11.38 6.09 -15.73
CA ASN D 71 -12.08 6.47 -14.51
C ASN D 71 -11.14 6.49 -13.31
N ASP D 72 -10.26 5.49 -13.23
CA ASP D 72 -9.31 5.41 -12.12
C ASP D 72 -8.38 6.61 -12.08
N ILE D 73 -7.81 6.98 -13.23
CA ILE D 73 -6.88 8.11 -13.24
C ILE D 73 -7.61 9.42 -12.99
N PHE D 74 -8.84 9.55 -13.50
CA PHE D 74 -9.63 10.74 -13.22
C PHE D 74 -9.85 10.89 -11.72
N GLU D 75 -10.26 9.82 -11.04
CA GLU D 75 -10.53 9.96 -9.61
C GLU D 75 -9.25 10.19 -8.83
N ARG D 76 -8.13 9.60 -9.26
CA ARG D 76 -6.85 9.85 -8.61
C ARG D 76 -6.47 11.32 -8.66
N ILE D 77 -6.48 11.89 -9.86
CA ILE D 77 -6.01 13.27 -10.01
C ILE D 77 -6.99 14.24 -9.36
N ALA D 78 -8.28 13.97 -9.49
CA ALA D 78 -9.27 14.85 -8.86
C ALA D 78 -9.15 14.83 -7.34
N THR D 79 -8.92 13.65 -6.75
CA THR D 79 -8.76 13.56 -5.30
C THR D 79 -7.52 14.33 -4.85
N GLU D 80 -6.41 14.17 -5.56
CA GLU D 80 -5.20 14.90 -5.19
C GLU D 80 -5.40 16.41 -5.33
N ALA D 81 -6.11 16.83 -6.38
CA ALA D 81 -6.37 18.27 -6.56
C ALA D 81 -7.26 18.81 -5.45
N SER D 82 -8.27 18.04 -5.04
CA SER D 82 -9.12 18.48 -3.93
C SER D 82 -8.32 18.62 -2.65
N LYS D 83 -7.43 17.67 -2.37
CA LYS D 83 -6.58 17.78 -1.19
C LYS D 83 -5.65 18.98 -1.29
N LEU D 84 -5.12 19.25 -2.48
CA LEU D 84 -4.25 20.40 -2.67
C LEU D 84 -4.99 21.70 -2.40
N ALA D 85 -6.24 21.80 -2.86
CA ALA D 85 -7.03 22.99 -2.59
C ALA D 85 -7.37 23.10 -1.10
N ALA D 86 -7.62 21.97 -0.45
CA ALA D 86 -7.94 21.99 0.97
C ALA D 86 -6.74 22.42 1.81
N TYR D 87 -5.54 21.98 1.46
CA TYR D 87 -4.36 22.29 2.27
C TYR D 87 -4.09 23.79 2.30
N ASN D 88 -4.32 24.47 1.18
CA ASN D 88 -4.01 25.89 1.05
C ASN D 88 -5.16 26.80 1.42
N LYS D 89 -6.24 26.24 1.99
CA LYS D 89 -7.40 27.02 2.41
C LYS D 89 -8.06 27.73 1.23
N LYS D 90 -8.12 27.04 0.09
CA LYS D 90 -8.76 27.55 -1.11
C LYS D 90 -9.98 26.70 -1.42
N SER D 91 -11.05 27.33 -1.89
CA SER D 91 -12.29 26.64 -2.18
C SER D 91 -12.49 26.37 -3.66
N THR D 92 -11.49 26.65 -4.50
CA THR D 92 -11.61 26.51 -5.95
C THR D 92 -10.52 25.57 -6.44
N ILE D 93 -10.91 24.64 -7.32
CA ILE D 93 -9.96 23.81 -8.05
C ILE D 93 -9.74 24.51 -9.38
N SER D 94 -8.58 25.14 -9.52
CA SER D 94 -8.23 25.85 -10.74
C SER D 94 -7.45 24.91 -11.66
N ALA D 95 -6.87 25.48 -12.72
CA ALA D 95 -6.03 24.70 -13.60
C ALA D 95 -4.69 24.38 -12.96
N ARG D 96 -4.24 25.23 -12.03
CA ARG D 96 -2.94 25.01 -11.39
C ARG D 96 -3.00 23.86 -10.39
N GLU D 97 -4.12 23.73 -9.69
CA GLU D 97 -4.30 22.57 -8.82
C GLU D 97 -4.25 21.28 -9.63
N ILE D 98 -4.88 21.28 -10.80
CA ILE D 98 -4.86 20.10 -11.68
C ILE D 98 -3.44 19.85 -12.18
N GLN D 99 -2.72 20.91 -12.54
CA GLN D 99 -1.33 20.74 -12.98
C GLN D 99 -0.48 20.08 -11.90
N THR D 100 -0.54 20.63 -10.69
CA THR D 100 0.30 20.10 -9.61
C THR D 100 -0.14 18.69 -9.24
N ALA D 101 -1.43 18.38 -9.36
CA ALA D 101 -1.88 17.02 -9.11
C ALA D 101 -1.34 16.05 -10.17
N VAL D 102 -1.30 16.49 -11.43
CA VAL D 102 -0.71 15.65 -12.47
C VAL D 102 0.76 15.39 -12.19
N ARG D 103 1.46 16.41 -11.67
CA ARG D 103 2.88 16.23 -11.42
C ARG D 103 3.14 15.22 -10.31
N LEU D 104 2.25 15.16 -9.31
CA LEU D 104 2.44 14.19 -8.23
C LEU D 104 2.08 12.77 -8.66
N ILE D 105 0.95 12.62 -9.36
CA ILE D 105 0.46 11.27 -9.67
C ILE D 105 1.32 10.61 -10.75
N LEU D 106 1.59 11.33 -11.84
CA LEU D 106 2.26 10.71 -12.98
C LEU D 106 3.77 10.70 -12.79
N PRO D 107 4.41 9.55 -13.04
CA PRO D 107 5.85 9.44 -12.80
C PRO D 107 6.71 9.81 -14.01
N GLY D 108 7.76 10.57 -13.76
CA GLY D 108 8.84 10.71 -14.73
C GLY D 108 8.45 11.52 -15.95
N GLU D 109 8.56 10.89 -17.12
CA GLU D 109 8.33 11.60 -18.37
C GLU D 109 6.87 11.58 -18.77
N LEU D 110 6.03 10.85 -18.04
CA LEU D 110 4.59 10.97 -18.25
C LEU D 110 4.10 12.32 -17.78
N ALA D 111 4.60 12.80 -16.65
CA ALA D 111 4.19 14.09 -16.12
C ALA D 111 4.60 15.23 -17.05
N LYS D 112 5.79 15.14 -17.62
CA LYS D 112 6.27 16.21 -18.50
C LYS D 112 5.39 16.36 -19.74
N HIS D 113 5.14 15.25 -20.43
CA HIS D 113 4.34 15.32 -21.64
C HIS D 113 2.88 15.61 -21.34
N ALA D 114 2.39 15.13 -20.19
CA ALA D 114 1.00 15.42 -19.82
C ALA D 114 0.82 16.89 -19.48
N VAL D 115 1.80 17.49 -18.80
CA VAL D 115 1.74 18.93 -18.53
C VAL D 115 1.82 19.71 -19.83
N SER D 116 2.67 19.29 -20.76
CA SER D 116 2.74 19.96 -22.05
C SER D 116 1.42 19.87 -22.80
N GLU D 117 0.78 18.70 -22.78
CA GLU D 117 -0.50 18.53 -23.46
C GLU D 117 -1.60 19.36 -22.83
N GLY D 118 -1.67 19.37 -21.49
CA GLY D 118 -2.71 20.14 -20.83
C GLY D 118 -2.52 21.63 -20.98
N THR D 119 -1.28 22.11 -20.92
CA THR D 119 -1.00 23.53 -21.08
C THR D 119 -1.38 24.02 -22.47
N ARG D 120 -1.20 23.15 -23.47
CA ARG D 120 -1.51 23.53 -24.84
C ARG D 120 -3.02 23.61 -25.06
N ALA D 121 -3.80 22.79 -24.35
CA ALA D 121 -5.25 22.81 -24.54
C ALA D 121 -5.88 24.02 -23.88
N VAL D 122 -5.37 24.43 -22.71
CA VAL D 122 -5.91 25.62 -22.04
C VAL D 122 -5.58 26.88 -22.85
N THR D 123 -4.39 26.90 -23.46
CA THR D 123 -4.04 28.05 -24.29
C THR D 123 -4.95 28.15 -25.51
N LYS D 124 -5.27 27.03 -26.14
CA LYS D 124 -6.18 27.06 -27.29
C LYS D 124 -7.59 27.44 -26.88
N TYR D 125 -8.04 26.96 -25.72
CA TYR D 125 -9.37 27.28 -25.23
C TYR D 125 -9.51 28.77 -24.94
N SER D 126 -8.49 29.38 -24.33
CA SER D 126 -8.57 30.78 -23.96
C SER D 126 -8.41 31.69 -25.17
N SER D 127 -7.64 31.26 -26.17
CA SER D 127 -7.45 32.08 -27.35
C SER D 127 -8.75 32.21 -28.15
N SER D 128 -9.57 31.16 -28.15
CA SER D 128 -10.87 31.24 -28.80
C SER D 128 -11.78 32.24 -28.08
N THR D 129 -11.82 32.18 -26.76
CA THR D 129 -12.72 33.04 -25.98
C THR D 129 -12.17 34.44 -25.83
N TYR E 42 10.07 -34.91 -22.61
CA TYR E 42 11.51 -35.08 -22.56
C TYR E 42 11.97 -35.44 -21.16
N THR E 43 13.16 -34.94 -20.80
CA THR E 43 13.69 -35.15 -19.46
C THR E 43 12.90 -34.33 -18.44
N PRO E 44 12.90 -34.75 -17.18
CA PRO E 44 12.10 -34.02 -16.17
C PRO E 44 12.45 -32.54 -16.07
N SER E 45 13.73 -32.19 -16.19
CA SER E 45 14.10 -30.77 -16.18
C SER E 45 13.55 -30.06 -17.41
N GLU E 46 13.60 -30.73 -18.57
CA GLU E 46 13.10 -30.12 -19.80
C GLU E 46 11.59 -29.91 -19.75
N LEU E 47 10.86 -30.87 -19.21
CA LEU E 47 9.40 -30.78 -19.22
C LEU E 47 8.91 -29.63 -18.35
N ALA E 48 9.58 -29.39 -17.22
CA ALA E 48 9.18 -28.28 -16.35
C ALA E 48 9.35 -26.94 -17.06
N LEU E 49 10.44 -26.77 -17.80
CA LEU E 49 10.64 -25.53 -18.55
C LEU E 49 9.55 -25.36 -19.62
N TYR E 50 9.21 -26.45 -20.31
CA TYR E 50 8.15 -26.39 -21.31
C TYR E 50 6.81 -26.01 -20.68
N GLU E 51 6.52 -26.58 -19.50
CA GLU E 51 5.28 -26.24 -18.81
C GLU E 51 5.28 -24.79 -18.35
N ILE E 52 6.43 -24.29 -17.91
CA ILE E 52 6.52 -22.90 -17.49
C ILE E 52 6.23 -21.97 -18.67
N ARG E 53 6.84 -22.26 -19.82
CA ARG E 53 6.59 -21.45 -21.01
C ARG E 53 5.14 -21.57 -21.47
N LYS E 54 4.57 -22.77 -21.38
CA LYS E 54 3.18 -22.97 -21.79
C LYS E 54 2.23 -22.18 -20.90
N TYR E 55 2.47 -22.16 -19.59
CA TYR E 55 1.52 -21.55 -18.68
C TYR E 55 1.80 -20.06 -18.49
N GLN E 56 2.90 -19.57 -19.03
CA GLN E 56 3.12 -18.13 -19.03
C GLN E 56 2.49 -17.46 -20.25
N ARG E 57 2.36 -18.19 -21.36
CA ARG E 57 1.72 -17.63 -22.54
C ARG E 57 0.22 -17.48 -22.35
N SER E 58 -0.41 -18.48 -21.75
CA SER E 58 -1.87 -18.48 -21.64
C SER E 58 -2.33 -17.43 -20.63
N THR E 59 -3.57 -16.99 -20.79
CA THR E 59 -4.17 -16.02 -19.90
C THR E 59 -5.41 -16.57 -19.19
N ASP E 60 -5.79 -17.80 -19.48
CA ASP E 60 -7.02 -18.38 -18.96
C ASP E 60 -6.88 -18.74 -17.47
N LEU E 61 -8.01 -19.06 -16.87
CA LEU E 61 -8.07 -19.32 -15.43
C LEU E 61 -7.60 -20.75 -15.16
N LEU E 62 -6.81 -20.92 -14.09
CA LEU E 62 -6.19 -22.23 -13.87
C LEU E 62 -6.97 -23.05 -12.85
N ILE E 63 -7.64 -22.39 -11.91
CA ILE E 63 -8.52 -23.10 -10.97
C ILE E 63 -9.85 -23.38 -11.64
N SER E 64 -10.43 -24.54 -11.32
CA SER E 64 -11.73 -24.91 -11.86
C SER E 64 -12.81 -23.97 -11.34
N LYS E 65 -13.91 -23.85 -12.10
CA LYS E 65 -14.93 -22.86 -11.79
C LYS E 65 -15.84 -23.32 -10.66
N ILE E 66 -16.38 -24.53 -10.78
CA ILE E 66 -17.38 -25.04 -9.83
C ILE E 66 -16.81 -25.20 -8.43
N PRO E 67 -15.64 -25.83 -8.23
CA PRO E 67 -15.10 -25.91 -6.87
C PRO E 67 -14.81 -24.55 -6.25
N PHE E 68 -14.36 -23.58 -7.06
CA PHE E 68 -14.10 -22.25 -6.52
C PHE E 68 -15.40 -21.55 -6.13
N ALA E 69 -16.46 -21.73 -6.93
CA ALA E 69 -17.75 -21.16 -6.55
C ALA E 69 -18.25 -21.77 -5.24
N ARG E 70 -18.08 -23.09 -5.08
CA ARG E 70 -18.48 -23.73 -3.83
C ARG E 70 -17.67 -23.22 -2.65
N LEU E 71 -16.37 -23.03 -2.85
CA LEU E 71 -15.54 -22.47 -1.78
C LEU E 71 -15.97 -21.06 -1.42
N VAL E 72 -16.29 -20.24 -2.42
CA VAL E 72 -16.72 -18.87 -2.15
C VAL E 72 -18.02 -18.87 -1.36
N LYS E 73 -18.96 -19.75 -1.72
CA LYS E 73 -20.21 -19.82 -0.97
C LYS E 73 -19.99 -20.33 0.46
N GLU E 74 -19.08 -21.30 0.65
CA GLU E 74 -18.78 -21.74 2.00
C GLU E 74 -18.22 -20.58 2.82
N VAL E 75 -17.29 -19.82 2.25
CA VAL E 75 -16.65 -18.75 2.99
C VAL E 75 -17.66 -17.66 3.33
N THR E 76 -18.58 -17.37 2.40
CA THR E 76 -19.54 -16.30 2.66
C THR E 76 -20.62 -16.75 3.64
N ASP E 77 -20.82 -18.06 3.77
CA ASP E 77 -21.82 -18.55 4.73
C ASP E 77 -21.42 -18.23 6.17
N GLU E 78 -20.13 -18.05 6.44
CA GLU E 78 -19.71 -17.80 7.81
C GLU E 78 -19.76 -16.32 8.16
N PHE E 79 -20.11 -15.48 7.19
CA PHE E 79 -20.25 -14.06 7.49
C PHE E 79 -21.72 -13.67 7.56
N THR E 80 -22.56 -14.35 6.77
CA THR E 80 -24.01 -14.20 6.83
C THR E 80 -24.60 -15.56 7.19
N THR E 81 -24.67 -15.83 8.48
CA THR E 81 -25.21 -17.08 9.00
C THR E 81 -26.36 -16.86 9.97
N LYS E 82 -26.68 -15.60 10.28
CA LYS E 82 -27.73 -15.34 11.27
C LYS E 82 -29.09 -15.83 10.78
N ASP E 83 -29.65 -15.16 9.78
CA ASP E 83 -30.89 -15.63 9.17
C ASP E 83 -30.95 -15.33 7.69
N GLN E 84 -29.89 -14.73 7.14
CA GLN E 84 -29.89 -14.27 5.76
C GLN E 84 -28.92 -15.11 4.94
N ASP E 85 -29.38 -15.56 3.78
CA ASP E 85 -28.53 -16.23 2.81
C ASP E 85 -28.30 -15.30 1.63
N LEU E 86 -27.05 -15.18 1.21
CA LEU E 86 -26.67 -14.24 0.17
C LEU E 86 -26.44 -15.01 -1.13
N ARG E 87 -27.00 -14.48 -2.23
CA ARG E 87 -26.70 -15.03 -3.54
C ARG E 87 -25.43 -14.40 -4.09
N TRP E 88 -24.96 -14.94 -5.21
CA TRP E 88 -23.74 -14.47 -5.84
C TRP E 88 -23.96 -14.38 -7.34
N GLN E 89 -23.72 -13.20 -7.91
CA GLN E 89 -23.75 -13.08 -9.35
C GLN E 89 -22.59 -13.84 -9.97
N SER E 90 -22.78 -14.33 -11.20
CA SER E 90 -21.72 -15.07 -11.86
C SER E 90 -20.51 -14.19 -12.13
N MET E 91 -20.75 -12.94 -12.55
CA MET E 91 -19.64 -12.03 -12.79
C MET E 91 -18.89 -11.70 -11.51
N ALA E 92 -19.60 -11.69 -10.38
CA ALA E 92 -18.93 -11.46 -9.10
C ALA E 92 -17.94 -12.56 -8.78
N ILE E 93 -18.35 -13.81 -8.96
CA ILE E 93 -17.45 -14.93 -8.72
C ILE E 93 -16.30 -14.93 -9.72
N MET E 94 -16.58 -14.54 -10.97
CA MET E 94 -15.51 -14.49 -11.96
C MET E 94 -14.47 -13.45 -11.59
N ALA E 95 -14.91 -12.27 -11.15
CA ALA E 95 -13.97 -11.23 -10.71
C ALA E 95 -13.18 -11.70 -9.49
N LEU E 96 -13.85 -12.35 -8.55
CA LEU E 96 -13.16 -12.85 -7.37
C LEU E 96 -12.09 -13.87 -7.74
N GLN E 97 -12.40 -14.77 -8.67
CA GLN E 97 -11.44 -15.80 -9.05
C GLN E 97 -10.26 -15.20 -9.81
N GLU E 98 -10.53 -14.21 -10.67
CA GLU E 98 -9.44 -13.52 -11.36
C GLU E 98 -8.49 -12.88 -10.35
N ALA E 99 -9.03 -12.12 -9.39
CA ALA E 99 -8.19 -11.47 -8.40
C ALA E 99 -7.43 -12.48 -7.56
N SER E 100 -8.09 -13.56 -7.15
CA SER E 100 -7.45 -14.57 -6.31
C SER E 100 -6.29 -15.23 -7.03
N GLU E 101 -6.48 -15.60 -8.30
CA GLU E 101 -5.40 -16.25 -9.03
C GLU E 101 -4.25 -15.29 -9.28
N ALA E 102 -4.53 -14.02 -9.54
CA ALA E 102 -3.44 -13.06 -9.68
C ALA E 102 -2.62 -12.96 -8.40
N TYR E 103 -3.29 -12.87 -7.26
CA TYR E 103 -2.59 -12.78 -5.99
C TYR E 103 -1.74 -14.03 -5.73
N LEU E 104 -2.30 -15.20 -6.02
CA LEU E 104 -1.59 -16.44 -5.79
C LEU E 104 -0.36 -16.55 -6.68
N VAL E 105 -0.48 -16.15 -7.94
CA VAL E 105 0.67 -16.22 -8.85
C VAL E 105 1.78 -15.28 -8.39
N GLY E 106 1.42 -14.06 -7.96
CA GLY E 106 2.44 -13.16 -7.45
C GLY E 106 3.12 -13.69 -6.21
N LEU E 107 2.35 -14.28 -5.29
CA LEU E 107 2.95 -14.84 -4.09
C LEU E 107 3.89 -15.99 -4.44
N LEU E 108 3.52 -16.82 -5.42
CA LEU E 108 4.39 -17.94 -5.79
C LEU E 108 5.65 -17.45 -6.48
N GLU E 109 5.57 -16.34 -7.22
CA GLU E 109 6.79 -15.77 -7.79
C GLU E 109 7.74 -15.31 -6.69
N HIS E 110 7.22 -14.63 -5.67
CA HIS E 110 8.09 -14.21 -4.57
C HIS E 110 8.65 -15.42 -3.80
N THR E 111 7.84 -16.47 -3.64
CA THR E 111 8.32 -17.68 -3.00
C THR E 111 9.46 -18.32 -3.80
N ASN E 112 9.33 -18.33 -5.12
CA ASN E 112 10.40 -18.84 -5.97
C ASN E 112 11.67 -18.03 -5.80
N LEU E 113 11.53 -16.70 -5.70
CA LEU E 113 12.71 -15.87 -5.47
C LEU E 113 13.39 -16.22 -4.16
N LEU E 114 12.61 -16.40 -3.09
CA LEU E 114 13.22 -16.77 -1.81
C LEU E 114 13.85 -18.15 -1.87
N ALA E 115 13.25 -19.08 -2.63
CA ALA E 115 13.87 -20.39 -2.80
C ALA E 115 15.21 -20.28 -3.49
N LEU E 116 15.29 -19.46 -4.54
CA LEU E 116 16.58 -19.24 -5.20
C LEU E 116 17.58 -18.55 -4.29
N HIS E 117 17.10 -17.77 -3.33
CA HIS E 117 18.01 -17.07 -2.42
C HIS E 117 18.86 -18.04 -1.61
N ALA E 118 18.25 -19.12 -1.11
CA ALA E 118 18.96 -20.12 -0.32
C ALA E 118 19.61 -21.20 -1.17
N LYS E 119 19.82 -20.92 -2.47
CA LYS E 119 20.42 -21.89 -3.40
C LYS E 119 19.63 -23.19 -3.45
N ARG E 120 18.31 -23.08 -3.54
CA ARG E 120 17.44 -24.21 -3.82
C ARG E 120 16.58 -23.88 -5.03
N ILE E 121 16.01 -24.93 -5.62
CA ILE E 121 14.99 -24.77 -6.65
C ILE E 121 13.65 -25.35 -6.22
N THR E 122 13.60 -26.02 -5.08
CA THR E 122 12.36 -26.51 -4.50
C THR E 122 11.80 -25.43 -3.58
N ILE E 123 10.62 -24.92 -3.93
CA ILE E 123 9.93 -24.02 -3.02
C ILE E 123 9.33 -24.83 -1.88
N MET E 124 9.61 -24.42 -0.66
CA MET E 124 9.22 -25.14 0.53
C MET E 124 8.19 -24.32 1.30
N LYS E 125 7.73 -24.87 2.43
CA LYS E 125 6.77 -24.14 3.23
C LYS E 125 7.40 -22.93 3.90
N LYS E 126 8.68 -23.01 4.24
CA LYS E 126 9.31 -21.96 5.05
C LYS E 126 9.56 -20.67 4.30
N ASP E 127 9.58 -20.68 2.96
CA ASP E 127 9.80 -19.45 2.21
C ASP E 127 8.52 -18.92 1.59
N MET E 128 7.41 -19.65 1.67
CA MET E 128 6.12 -19.02 1.43
C MET E 128 5.69 -18.17 2.62
N GLN E 129 5.92 -18.66 3.83
CA GLN E 129 5.64 -17.90 5.03
C GLN E 129 6.49 -16.65 5.15
N LEU E 130 7.74 -16.68 4.67
CA LEU E 130 8.60 -15.51 4.76
C LEU E 130 8.20 -14.45 3.74
N ALA E 131 7.84 -14.87 2.52
CA ALA E 131 7.28 -13.94 1.54
C ALA E 131 5.97 -13.34 2.01
N ARG E 132 5.11 -14.14 2.61
CA ARG E 132 3.84 -13.68 3.16
C ARG E 132 4.03 -12.59 4.22
N ARG E 133 5.18 -12.56 4.90
CA ARG E 133 5.41 -11.64 5.99
C ARG E 133 6.30 -10.45 5.61
N ILE E 134 7.18 -10.60 4.62
CA ILE E 134 7.96 -9.45 4.21
C ILE E 134 7.08 -8.47 3.44
N ARG E 135 6.15 -8.98 2.62
CA ARG E 135 5.16 -8.12 1.97
C ARG E 135 4.22 -7.48 2.99
N GLY E 136 3.91 -8.18 4.08
CA GLY E 136 3.10 -7.61 5.15
C GLY E 136 1.62 -7.89 5.03
N GLN E 137 1.05 -7.64 3.85
CA GLN E 137 -0.38 -7.81 3.63
C GLN E 137 -0.82 -9.25 3.85
N PHE E 138 -1.59 -9.50 4.92
CA PHE E 138 -2.08 -10.84 5.24
C PHE E 138 -3.44 -11.10 4.60
N ILE E 139 -3.51 -10.89 3.30
CA ILE E 139 -4.68 -11.22 2.52
C ILE E 139 -4.36 -12.47 1.70
N ARG F 24 -14.71 -34.05 -1.17
CA ARG F 24 -14.83 -33.95 0.27
C ARG F 24 -15.08 -32.51 0.70
N ASP F 25 -14.12 -31.93 1.42
CA ASP F 25 -14.24 -30.55 1.84
C ASP F 25 -14.07 -29.62 0.64
N ASN F 26 -14.54 -28.38 0.80
CA ASN F 26 -14.52 -27.43 -0.31
C ASN F 26 -13.12 -26.89 -0.57
N ILE F 27 -12.30 -26.79 0.49
CA ILE F 27 -10.90 -26.42 0.30
C ILE F 27 -10.16 -27.48 -0.51
N GLN F 28 -10.55 -28.75 -0.35
CA GLN F 28 -9.96 -29.81 -1.14
C GLN F 28 -10.34 -29.70 -2.61
N GLY F 29 -11.30 -28.84 -2.95
CA GLY F 29 -11.65 -28.65 -4.34
C GLY F 29 -10.58 -27.93 -5.13
N ILE F 30 -9.64 -27.29 -4.43
CA ILE F 30 -8.48 -26.67 -5.07
C ILE F 30 -7.43 -27.76 -5.21
N THR F 31 -7.51 -28.54 -6.28
CA THR F 31 -6.73 -29.76 -6.41
C THR F 31 -5.24 -29.45 -6.54
N LYS F 32 -4.44 -30.45 -6.20
CA LYS F 32 -2.98 -30.31 -6.33
C LYS F 32 -2.53 -30.01 -7.75
N PRO F 33 -3.08 -30.63 -8.81
CA PRO F 33 -2.70 -30.20 -10.16
C PRO F 33 -2.96 -28.73 -10.43
N ALA F 34 -4.04 -28.17 -9.88
CA ALA F 34 -4.31 -26.75 -10.07
C ALA F 34 -3.21 -25.90 -9.43
N ILE F 35 -2.77 -26.27 -8.23
CA ILE F 35 -1.69 -25.53 -7.58
C ILE F 35 -0.39 -25.69 -8.35
N ARG F 36 -0.15 -26.87 -8.93
CA ARG F 36 1.04 -27.04 -9.76
C ARG F 36 0.99 -26.15 -10.99
N ARG F 37 -0.19 -26.01 -11.60
CA ARG F 37 -0.34 -25.10 -12.73
C ARG F 37 -0.10 -23.65 -12.31
N LEU F 38 -0.66 -23.27 -11.15
CA LEU F 38 -0.47 -21.91 -10.66
C LEU F 38 0.99 -21.61 -10.40
N ALA F 39 1.74 -22.62 -9.92
CA ALA F 39 3.17 -22.42 -9.67
C ALA F 39 3.96 -22.44 -10.97
N ARG F 40 3.51 -23.23 -11.96
CA ARG F 40 4.17 -23.22 -13.26
C ARG F 40 4.03 -21.85 -13.94
N ARG F 41 2.90 -21.17 -13.74
CA ARG F 41 2.80 -19.82 -14.24
C ARG F 41 3.76 -18.87 -13.51
N GLY F 42 4.01 -19.14 -12.23
CA GLY F 42 4.89 -18.29 -11.45
C GLY F 42 6.37 -18.55 -11.68
N GLY F 43 6.72 -19.53 -12.50
CA GLY F 43 8.11 -19.82 -12.78
C GLY F 43 8.76 -20.80 -11.83
N VAL F 44 8.02 -21.79 -11.35
CA VAL F 44 8.53 -22.74 -10.35
C VAL F 44 8.89 -24.04 -11.06
N LYS F 45 10.07 -24.58 -10.75
CA LYS F 45 10.51 -25.81 -11.40
C LYS F 45 10.24 -27.04 -10.53
N ARG F 46 10.34 -26.88 -9.22
CA ARG F 46 10.15 -27.99 -8.29
C ARG F 46 9.31 -27.51 -7.12
N ILE F 47 8.50 -28.41 -6.57
CA ILE F 47 7.48 -28.07 -5.59
C ILE F 47 7.57 -29.05 -4.42
N SER F 48 7.71 -28.51 -3.22
CA SER F 48 7.71 -29.36 -2.03
C SER F 48 6.31 -29.88 -1.75
N GLY F 49 6.24 -31.00 -1.01
CA GLY F 49 4.95 -31.62 -0.77
C GLY F 49 4.10 -30.85 0.22
N LEU F 50 4.73 -29.99 1.02
CA LEU F 50 3.99 -29.27 2.05
C LEU F 50 3.44 -27.94 1.55
N ILE F 51 3.69 -27.60 0.28
CA ILE F 51 3.22 -26.32 -0.26
C ILE F 51 1.71 -26.29 -0.40
N TYR F 52 1.11 -27.43 -0.77
CA TYR F 52 -0.28 -27.42 -1.18
C TYR F 52 -1.21 -26.96 -0.07
N GLU F 53 -0.99 -27.46 1.16
CA GLU F 53 -1.82 -27.01 2.29
C GLU F 53 -1.57 -25.55 2.62
N GLU F 54 -0.31 -25.10 2.49
CA GLU F 54 -0.01 -23.69 2.73
C GLU F 54 -0.69 -22.80 1.70
N VAL F 55 -0.68 -23.20 0.43
CA VAL F 55 -1.37 -22.43 -0.60
C VAL F 55 -2.87 -22.39 -0.31
N ARG F 56 -3.41 -23.51 0.15
CA ARG F 56 -4.83 -23.55 0.49
C ARG F 56 -5.16 -22.59 1.63
N ALA F 57 -4.29 -22.54 2.65
CA ALA F 57 -4.49 -21.61 3.76
C ALA F 57 -4.40 -20.15 3.30
N VAL F 58 -3.43 -19.85 2.43
CA VAL F 58 -3.28 -18.48 1.94
C VAL F 58 -4.52 -18.06 1.14
N LEU F 59 -5.00 -18.95 0.27
CA LEU F 59 -6.19 -18.64 -0.51
C LEU F 59 -7.39 -18.41 0.41
N LYS F 60 -7.54 -19.23 1.45
CA LYS F 60 -8.64 -19.05 2.37
C LYS F 60 -8.58 -17.71 3.08
N SER F 61 -7.38 -17.30 3.52
CA SER F 61 -7.27 -16.01 4.20
C SER F 61 -7.61 -14.86 3.26
N PHE F 62 -7.10 -14.90 2.03
CA PHE F 62 -7.39 -13.85 1.06
C PHE F 62 -8.90 -13.77 0.79
N LEU F 63 -9.52 -14.92 0.57
CA LEU F 63 -10.96 -14.96 0.31
C LEU F 63 -11.73 -14.43 1.50
N GLU F 64 -11.32 -14.80 2.72
CA GLU F 64 -12.03 -14.33 3.90
C GLU F 64 -12.02 -12.81 3.99
N SER F 65 -10.85 -12.19 3.80
CA SER F 65 -10.80 -10.73 3.87
C SER F 65 -11.68 -10.09 2.80
N VAL F 66 -11.51 -10.50 1.55
CA VAL F 66 -12.20 -9.84 0.46
C VAL F 66 -13.71 -10.06 0.57
N ILE F 67 -14.13 -11.26 0.92
CA ILE F 67 -15.55 -11.57 1.00
C ILE F 67 -16.19 -10.87 2.19
N ARG F 68 -15.46 -10.71 3.30
CA ARG F 68 -16.01 -9.92 4.39
C ARG F 68 -16.30 -8.48 3.93
N ASP F 69 -15.33 -7.86 3.27
CA ASP F 69 -15.57 -6.49 2.80
C ASP F 69 -16.72 -6.43 1.80
N SER F 70 -16.77 -7.40 0.88
CA SER F 70 -17.81 -7.41 -0.15
C SER F 70 -19.19 -7.60 0.45
N VAL F 71 -19.32 -8.48 1.44
CA VAL F 71 -20.61 -8.70 2.08
C VAL F 71 -21.04 -7.48 2.86
N THR F 72 -20.08 -6.78 3.49
CA THR F 72 -20.44 -5.53 4.15
C THR F 72 -21.02 -4.53 3.15
N TYR F 73 -20.36 -4.40 1.99
CA TYR F 73 -20.85 -3.51 0.95
C TYR F 73 -22.25 -3.91 0.48
N THR F 74 -22.47 -5.21 0.29
CA THR F 74 -23.77 -5.69 -0.18
C THR F 74 -24.87 -5.43 0.84
N GLU F 75 -24.61 -5.73 2.11
CA GLU F 75 -25.64 -5.60 3.14
C GLU F 75 -25.96 -4.15 3.43
N HIS F 76 -24.99 -3.24 3.22
CA HIS F 76 -25.29 -1.82 3.43
C HIS F 76 -26.35 -1.34 2.43
N ALA F 77 -26.31 -1.85 1.21
CA ALA F 77 -27.25 -1.44 0.16
C ALA F 77 -28.60 -2.13 0.26
N LYS F 78 -28.85 -2.87 1.35
CA LYS F 78 -30.09 -3.63 1.53
C LYS F 78 -30.35 -4.57 0.36
N ARG F 79 -29.31 -5.23 -0.10
CA ARG F 79 -29.39 -6.22 -1.17
C ARG F 79 -29.14 -7.61 -0.61
N LYS F 80 -29.71 -8.61 -1.26
CA LYS F 80 -29.47 -10.00 -0.91
C LYS F 80 -28.67 -10.75 -1.95
N THR F 81 -28.04 -10.05 -2.89
CA THR F 81 -27.15 -10.64 -3.87
C THR F 81 -25.87 -9.83 -3.91
N VAL F 82 -24.75 -10.50 -4.19
CA VAL F 82 -23.45 -9.86 -4.22
C VAL F 82 -23.11 -9.58 -5.67
N THR F 83 -23.16 -8.32 -6.07
CA THR F 83 -22.93 -7.95 -7.45
C THR F 83 -21.44 -7.80 -7.72
N SER F 84 -21.09 -7.76 -9.01
CA SER F 84 -19.69 -7.71 -9.40
C SER F 84 -19.06 -6.37 -9.04
N LEU F 85 -19.88 -5.38 -8.69
CA LEU F 85 -19.33 -4.08 -8.31
C LEU F 85 -18.89 -4.08 -6.85
N ASP F 86 -19.55 -4.89 -6.01
CA ASP F 86 -19.14 -5.00 -4.61
C ASP F 86 -17.76 -5.63 -4.49
N VAL F 87 -17.47 -6.62 -5.33
CA VAL F 87 -16.18 -7.28 -5.30
C VAL F 87 -15.08 -6.31 -5.71
N VAL F 88 -15.32 -5.51 -6.74
CA VAL F 88 -14.33 -4.53 -7.19
C VAL F 88 -14.07 -3.50 -6.10
N TYR F 89 -15.13 -3.02 -5.44
CA TYR F 89 -14.96 -2.04 -4.38
C TYR F 89 -14.20 -2.63 -3.20
N ALA F 90 -14.49 -3.88 -2.83
CA ALA F 90 -13.76 -4.53 -1.75
C ALA F 90 -12.28 -4.68 -2.11
N LEU F 91 -11.99 -5.14 -3.33
CA LEU F 91 -10.60 -5.28 -3.75
C LEU F 91 -9.88 -3.94 -3.75
N LYS F 92 -10.56 -2.89 -4.20
CA LYS F 92 -9.97 -1.55 -4.17
C LYS F 92 -9.68 -1.11 -2.74
N ARG F 93 -10.58 -1.46 -1.81
CA ARG F 93 -10.30 -1.20 -0.40
C ARG F 93 -9.03 -1.91 0.06
N GLN F 94 -8.91 -3.21 -0.20
CA GLN F 94 -7.71 -3.95 0.18
C GLN F 94 -6.46 -3.50 -0.57
N GLY F 95 -6.58 -2.57 -1.51
CA GLY F 95 -5.41 -2.10 -2.22
C GLY F 95 -5.01 -2.94 -3.41
N ARG F 96 -5.95 -3.70 -3.98
CA ARG F 96 -5.71 -4.51 -5.18
C ARG F 96 -6.75 -4.13 -6.22
N THR F 97 -6.45 -3.09 -6.99
CA THR F 97 -7.36 -2.62 -8.02
C THR F 97 -7.49 -3.66 -9.12
N LEU F 98 -8.71 -3.82 -9.66
CA LEU F 98 -8.99 -4.82 -10.68
C LEU F 98 -9.71 -4.16 -11.84
N TYR F 99 -9.08 -4.12 -13.00
CA TYR F 99 -9.71 -3.63 -14.21
C TYR F 99 -10.40 -4.75 -14.98
N GLY F 100 -11.51 -4.40 -15.62
CA GLY F 100 -12.18 -5.31 -16.54
C GLY F 100 -13.55 -5.77 -16.11
N PHE F 101 -14.01 -5.43 -14.90
CA PHE F 101 -15.30 -5.89 -14.41
C PHE F 101 -16.18 -4.72 -13.96
N GLY F 102 -15.84 -3.50 -14.34
CA GLY F 102 -16.61 -2.35 -13.94
C GLY F 102 -15.84 -1.40 -13.05
N GLY F 103 -16.58 -0.45 -12.48
CA GLY F 103 -15.99 0.57 -11.65
C GLY F 103 -15.24 1.62 -12.43
N SER G 16 -29.27 26.04 27.40
CA SER G 16 -28.81 25.51 26.12
C SER G 16 -27.80 24.37 26.32
N GLN G 17 -28.31 23.17 26.51
CA GLN G 17 -27.46 22.00 26.66
C GLN G 17 -26.65 21.78 25.39
N SER G 18 -25.36 21.49 25.55
CA SER G 18 -24.53 21.13 24.41
C SER G 18 -24.94 19.78 23.87
N ARG G 19 -24.58 19.51 22.62
CA ARG G 19 -24.93 18.25 21.99
C ARG G 19 -24.11 17.10 22.57
N SER G 20 -22.83 17.34 22.86
CA SER G 20 -21.99 16.29 23.42
C SER G 20 -22.47 15.88 24.79
N ALA G 21 -22.82 16.84 25.65
CA ALA G 21 -23.34 16.50 26.97
C ALA G 21 -24.71 15.83 26.86
N LYS G 22 -25.51 16.24 25.87
CA LYS G 22 -26.78 15.58 25.63
C LYS G 22 -26.59 14.13 25.22
N ALA G 23 -25.49 13.83 24.52
CA ALA G 23 -25.25 12.46 24.08
C ALA G 23 -24.49 11.65 25.12
N GLY G 24 -23.90 12.32 26.11
CA GLY G 24 -23.09 11.66 27.09
C GLY G 24 -21.63 11.47 26.72
N LEU G 25 -21.08 12.35 25.90
CA LEU G 25 -19.70 12.23 25.42
C LEU G 25 -18.84 13.34 25.98
N THR G 26 -17.53 13.23 25.80
CA THR G 26 -16.63 14.32 26.14
C THR G 26 -16.18 15.08 24.90
N PHE G 27 -15.95 14.36 23.80
CA PHE G 27 -15.52 14.97 22.56
C PHE G 27 -16.66 15.81 21.97
N PRO G 28 -16.33 16.86 21.22
CA PRO G 28 -17.36 17.82 20.79
C PRO G 28 -18.15 17.30 19.58
N VAL G 29 -19.48 17.31 19.69
CA VAL G 29 -20.31 16.90 18.58
C VAL G 29 -20.48 18.05 17.59
N GLY G 30 -20.54 19.28 18.08
CA GLY G 30 -20.71 20.42 17.19
C GLY G 30 -19.52 20.63 16.28
N ARG G 31 -18.31 20.49 16.82
CA ARG G 31 -17.11 20.64 15.99
C ARG G 31 -17.02 19.54 14.94
N VAL G 32 -17.41 18.31 15.28
CA VAL G 32 -17.41 17.23 14.29
C VAL G 32 -18.46 17.48 13.23
N HIS G 33 -19.61 18.06 13.60
CA HIS G 33 -20.60 18.41 12.59
C HIS G 33 -20.07 19.50 11.67
N ARG G 34 -19.35 20.46 12.22
CA ARG G 34 -18.80 21.54 11.40
C ARG G 34 -17.71 21.02 10.47
N LEU G 35 -16.92 20.05 10.94
CA LEU G 35 -15.86 19.50 10.11
C LEU G 35 -16.42 18.60 9.01
N LEU G 36 -17.58 18.00 9.24
CA LEU G 36 -18.17 17.14 8.22
C LEU G 36 -18.80 17.98 7.11
N ARG G 37 -19.38 19.12 7.45
CA ARG G 37 -20.04 19.96 6.45
C ARG G 37 -19.02 20.68 5.57
N ARG G 38 -17.93 21.17 6.16
CA ARG G 38 -16.99 21.99 5.41
C ARG G 38 -15.89 21.16 4.77
N GLY G 39 -15.94 19.84 4.92
CA GLY G 39 -14.87 18.98 4.43
C GLY G 39 -15.09 18.37 3.08
N ASN G 40 -16.19 18.71 2.40
CA ASN G 40 -16.53 18.16 1.08
C ASN G 40 -16.65 16.64 1.11
N TYR G 41 -17.51 16.12 1.99
CA TYR G 41 -17.73 14.68 2.04
C TYR G 41 -19.05 14.31 1.37
N ALA G 42 -20.13 15.01 1.70
CA ALA G 42 -21.42 14.78 1.08
C ALA G 42 -22.16 16.10 0.97
N GLN G 43 -23.18 16.11 0.13
CA GLN G 43 -23.93 17.34 -0.11
C GLN G 43 -24.67 17.79 1.14
N ARG G 44 -25.21 16.85 1.91
CA ARG G 44 -25.87 17.16 3.17
C ARG G 44 -25.48 16.11 4.21
N ILE G 45 -25.13 16.57 5.40
CA ILE G 45 -24.69 15.72 6.49
C ILE G 45 -25.85 15.56 7.48
N GLY G 46 -26.57 14.44 7.37
CA GLY G 46 -27.68 14.20 8.26
C GLY G 46 -27.26 14.11 9.70
N SER G 47 -28.12 14.61 10.58
CA SER G 47 -27.82 14.61 12.01
C SER G 47 -27.80 13.18 12.54
N GLY G 48 -27.15 12.99 13.67
CA GLY G 48 -26.87 11.68 14.20
C GLY G 48 -25.59 11.05 13.67
N ALA G 49 -25.03 11.62 12.61
CA ALA G 49 -23.73 11.22 12.10
C ALA G 49 -22.60 11.83 12.95
N PRO G 50 -22.66 13.11 13.31
CA PRO G 50 -21.66 13.62 14.26
C PRO G 50 -21.70 12.91 15.59
N VAL G 51 -22.88 12.49 16.05
CA VAL G 51 -22.98 11.77 17.32
C VAL G 51 -22.26 10.43 17.22
N TYR G 52 -22.51 9.69 16.14
CA TYR G 52 -21.86 8.40 15.97
C TYR G 52 -20.35 8.55 15.85
N LEU G 53 -19.90 9.47 14.99
CA LEU G 53 -18.47 9.64 14.78
C LEU G 53 -17.77 10.13 16.04
N THR G 54 -18.43 10.98 16.82
CA THR G 54 -17.84 11.46 18.06
C THR G 54 -17.74 10.34 19.08
N ALA G 55 -18.77 9.49 19.17
CA ALA G 55 -18.70 8.35 20.08
C ALA G 55 -17.57 7.41 19.69
N VAL G 56 -17.42 7.11 18.39
CA VAL G 56 -16.36 6.22 17.95
C VAL G 56 -14.99 6.82 18.21
N LEU G 57 -14.84 8.11 17.92
CA LEU G 57 -13.55 8.78 18.13
C LEU G 57 -13.18 8.78 19.62
N GLU G 58 -14.16 9.04 20.48
CA GLU G 58 -13.92 9.00 21.92
C GLU G 58 -13.55 7.61 22.38
N TYR G 59 -14.21 6.58 21.86
CA TYR G 59 -13.87 5.22 22.24
C TYR G 59 -12.43 4.89 21.85
N LEU G 60 -12.05 5.20 20.62
CA LEU G 60 -10.69 4.88 20.17
C LEU G 60 -9.65 5.63 20.99
N ALA G 61 -9.88 6.93 21.23
CA ALA G 61 -8.93 7.72 22.01
C ALA G 61 -8.83 7.20 23.43
N ALA G 62 -9.96 6.84 24.05
CA ALA G 62 -9.94 6.32 25.41
C ALA G 62 -9.20 5.00 25.50
N GLU G 63 -9.42 4.11 24.54
CA GLU G 63 -8.73 2.83 24.54
C GLU G 63 -7.22 3.02 24.40
N ILE G 64 -6.80 3.88 23.46
CA ILE G 64 -5.37 4.14 23.28
C ILE G 64 -4.77 4.73 24.54
N LEU G 65 -5.45 5.73 25.13
CA LEU G 65 -4.94 6.37 26.32
C LEU G 65 -4.85 5.40 27.49
N GLU G 66 -5.85 4.54 27.67
CA GLU G 66 -5.81 3.63 28.81
C GLU G 66 -4.70 2.61 28.66
N LEU G 67 -4.50 2.07 27.45
CA LEU G 67 -3.38 1.15 27.25
C LEU G 67 -2.04 1.85 27.47
N ALA G 68 -1.91 3.09 26.98
CA ALA G 68 -0.66 3.83 27.18
C ALA G 68 -0.41 4.11 28.65
N GLY G 69 -1.45 4.48 29.40
CA GLY G 69 -1.28 4.71 30.83
C GLY G 69 -0.94 3.45 31.59
N ASN G 70 -1.52 2.32 31.19
CA ASN G 70 -1.17 1.04 31.80
C ASN G 70 0.30 0.72 31.54
N ALA G 71 0.79 1.02 30.33
CA ALA G 71 2.20 0.81 30.05
C ALA G 71 3.07 1.79 30.85
N ALA G 72 2.58 3.00 31.08
CA ALA G 72 3.38 3.99 31.81
C ALA G 72 3.48 3.64 33.30
N ARG G 73 2.40 3.10 33.86
CA ARG G 73 2.44 2.72 35.28
C ARG G 73 3.38 1.56 35.52
N ASP G 74 3.47 0.63 34.56
CA ASP G 74 4.33 -0.54 34.73
C ASP G 74 5.80 -0.17 34.69
N ASN G 75 6.12 1.03 34.21
CA ASN G 75 7.49 1.51 34.13
C ASN G 75 7.81 2.48 35.27
N LYS G 76 6.94 2.60 36.27
CA LYS G 76 7.12 3.54 37.37
C LYS G 76 7.26 4.96 36.87
N LYS G 77 6.49 5.30 35.84
CA LYS G 77 6.50 6.64 35.24
C LYS G 77 5.15 7.30 35.46
N THR G 78 5.18 8.60 35.72
CA THR G 78 3.97 9.38 35.96
C THR G 78 3.56 10.23 34.77
N ARG G 79 4.14 10.00 33.61
CA ARG G 79 3.81 10.76 32.41
C ARG G 79 3.83 9.82 31.20
N ILE G 80 3.03 10.16 30.19
CA ILE G 80 2.90 9.34 28.99
C ILE G 80 3.78 9.98 27.93
N ILE G 81 4.79 9.26 27.49
CA ILE G 81 5.73 9.74 26.47
C ILE G 81 5.45 8.99 25.17
N PRO G 82 6.01 9.41 24.03
CA PRO G 82 5.70 8.69 22.78
C PRO G 82 6.07 7.22 22.81
N ARG G 83 7.09 6.84 23.58
CA ARG G 83 7.49 5.44 23.66
C ARG G 83 6.38 4.59 24.24
N HIS G 84 5.67 5.10 25.26
CA HIS G 84 4.55 4.37 25.84
C HIS G 84 3.45 4.16 24.82
N LEU G 85 3.17 5.18 24.00
CA LEU G 85 2.16 5.03 22.95
C LEU G 85 2.58 3.98 21.93
N GLN G 86 3.86 4.02 21.52
CA GLN G 86 4.34 3.03 20.55
C GLN G 86 4.22 1.62 21.11
N LEU G 87 4.58 1.45 22.38
CA LEU G 87 4.47 0.15 23.03
C LEU G 87 3.02 -0.32 23.06
N ALA G 88 2.10 0.57 23.46
CA ALA G 88 0.70 0.20 23.57
C ALA G 88 0.12 -0.20 22.21
N ILE G 89 0.50 0.50 21.15
CA ILE G 89 -0.06 0.18 19.83
C ILE G 89 0.54 -1.10 19.28
N ARG G 90 1.86 -1.28 19.39
CA ARG G 90 2.48 -2.45 18.76
C ARG G 90 2.28 -3.71 19.60
N ASN G 91 1.89 -3.56 20.86
CA ASN G 91 1.89 -4.72 21.76
C ASN G 91 0.64 -5.58 21.57
N ASP G 92 -0.39 -5.05 20.92
CA ASP G 92 -1.64 -5.78 20.75
C ASP G 92 -2.07 -5.78 19.30
N ASP G 93 -2.77 -6.84 18.90
CA ASP G 93 -3.33 -6.92 17.57
C ASP G 93 -4.57 -6.04 17.48
N GLU G 94 -5.01 -5.78 16.25
CA GLU G 94 -6.17 -4.95 15.93
C GLU G 94 -5.87 -3.48 16.19
N LEU G 95 -4.72 -3.19 16.82
CA LEU G 95 -4.24 -1.83 16.89
C LEU G 95 -2.97 -1.68 16.08
N ASN G 96 -2.20 -2.78 15.97
CA ASN G 96 -1.14 -2.86 14.98
C ASN G 96 -1.72 -2.87 13.57
N LYS G 97 -2.82 -3.61 13.36
CA LYS G 97 -3.45 -3.66 12.05
C LYS G 97 -4.03 -2.29 11.67
N LEU G 98 -4.65 -1.60 12.63
CA LEU G 98 -5.23 -0.29 12.34
C LEU G 98 -4.14 0.72 12.03
N LEU G 99 -3.01 0.67 12.73
CA LEU G 99 -1.90 1.59 12.54
C LEU G 99 -0.70 0.92 11.90
N GLY G 100 -0.92 0.04 10.92
CA GLY G 100 0.18 -0.69 10.32
C GLY G 100 1.14 0.21 9.56
N ASN G 101 0.63 1.24 8.91
CA ASN G 101 1.42 2.11 8.04
C ASN G 101 1.87 3.39 8.74
N VAL G 102 1.85 3.46 10.06
CA VAL G 102 2.05 4.69 10.79
C VAL G 102 3.39 4.63 11.53
N THR G 103 4.17 5.69 11.41
CA THR G 103 5.41 5.85 12.15
C THR G 103 5.21 6.89 13.25
N ILE G 104 5.48 6.49 14.49
CA ILE G 104 5.26 7.33 15.66
C ILE G 104 6.58 7.96 16.05
N ALA G 105 6.64 9.29 16.00
CA ALA G 105 7.90 9.99 16.22
C ALA G 105 8.39 9.80 17.65
N GLN G 106 9.69 9.57 17.79
CA GLN G 106 10.34 9.34 19.09
C GLN G 106 9.80 8.10 19.77
N GLY G 107 9.34 7.13 18.98
CA GLY G 107 8.74 5.92 19.51
C GLY G 107 9.62 4.70 19.56
N GLY G 108 10.76 4.69 18.88
CA GLY G 108 11.65 3.56 18.96
C GLY G 108 11.09 2.35 18.23
N VAL G 109 11.59 1.17 18.61
CA VAL G 109 11.16 -0.09 18.01
C VAL G 109 10.82 -1.07 19.13
N LEU G 110 10.07 -2.10 18.77
CA LEU G 110 9.68 -3.12 19.75
C LEU G 110 10.87 -4.03 20.05
N PRO G 111 11.17 -4.27 21.33
CA PRO G 111 12.32 -5.11 21.67
C PRO G 111 12.14 -6.53 21.18
N ASN G 112 13.02 -6.96 20.27
CA ASN G 112 12.96 -8.30 19.71
C ASN G 112 14.34 -8.75 19.24
N ILE G 113 14.69 -10.00 19.52
CA ILE G 113 15.95 -10.57 19.08
C ILE G 113 15.67 -11.95 18.51
N HIS G 114 16.50 -12.36 17.55
CA HIS G 114 16.30 -13.64 16.88
C HIS G 114 17.33 -14.66 17.36
N GLN G 115 16.98 -15.93 17.24
CA GLN G 115 17.83 -17.03 17.68
C GLN G 115 19.01 -17.22 16.73
N ARG H 37 -6.24 30.99 15.02
CA ARG H 37 -6.25 30.03 16.11
C ARG H 37 -6.22 28.59 15.58
N LYS H 38 -5.49 27.73 16.27
CA LYS H 38 -5.34 26.33 15.89
C LYS H 38 -6.27 25.47 16.72
N GLU H 39 -7.27 24.88 16.05
CA GLU H 39 -8.17 23.96 16.74
C GLU H 39 -7.48 22.62 16.98
N THR H 40 -7.61 22.12 18.19
CA THR H 40 -7.02 20.84 18.57
C THR H 40 -8.00 20.09 19.46
N TYR H 41 -7.78 18.78 19.56
CA TYR H 41 -8.51 17.94 20.47
C TYR H 41 -7.85 17.84 21.83
N SER H 42 -6.84 18.67 22.09
CA SER H 42 -6.06 18.55 23.31
C SER H 42 -6.91 18.76 24.55
N SER H 43 -7.82 19.73 24.52
CA SER H 43 -8.64 20.00 25.70
C SER H 43 -9.52 18.81 26.05
N TYR H 44 -9.94 18.04 25.04
CA TYR H 44 -10.81 16.90 25.29
C TYR H 44 -10.01 15.66 25.67
N ILE H 45 -8.80 15.51 25.11
CA ILE H 45 -7.98 14.36 25.43
C ILE H 45 -7.51 14.43 26.88
N TYR H 46 -7.24 15.64 27.38
CA TYR H 46 -6.89 15.81 28.78
C TYR H 46 -8.02 15.34 29.69
N LYS H 47 -9.26 15.71 29.36
CA LYS H 47 -10.38 15.36 30.22
C LYS H 47 -10.76 13.90 30.10
N VAL H 48 -10.56 13.29 28.94
CA VAL H 48 -10.82 11.87 28.78
C VAL H 48 -9.81 11.05 29.57
N LEU H 49 -8.55 11.48 29.58
CA LEU H 49 -7.53 10.76 30.33
C LEU H 49 -7.80 10.83 31.83
N LYS H 50 -8.26 11.98 32.32
CA LYS H 50 -8.42 12.16 33.76
C LYS H 50 -9.48 11.21 34.32
N GLN H 51 -10.34 10.67 33.45
CA GLN H 51 -11.35 9.73 33.92
C GLN H 51 -10.74 8.36 34.20
N THR H 52 -9.73 7.97 33.41
CA THR H 52 -9.11 6.67 33.61
C THR H 52 -7.99 6.74 34.66
N HIS H 53 -6.99 7.60 34.42
CA HIS H 53 -5.88 7.75 35.34
C HIS H 53 -5.86 9.19 35.83
N PRO H 54 -6.47 9.49 36.98
CA PRO H 54 -6.53 10.87 37.46
C PRO H 54 -5.20 11.49 37.85
N ASP H 55 -4.08 10.79 37.71
CA ASP H 55 -2.78 11.33 38.09
C ASP H 55 -1.76 11.39 36.95
N THR H 56 -1.82 10.49 35.98
CA THR H 56 -0.84 10.51 34.90
C THR H 56 -1.04 11.75 34.04
N GLY H 57 0.02 12.12 33.33
CA GLY H 57 -0.02 13.26 32.45
C GLY H 57 0.40 12.90 31.04
N ILE H 58 0.29 13.86 30.14
CA ILE H 58 0.69 13.71 28.75
C ILE H 58 1.70 14.79 28.41
N SER H 59 2.84 14.39 27.85
CA SER H 59 3.80 15.36 27.37
C SER H 59 3.28 16.03 26.10
N GLN H 60 3.94 17.11 25.71
CA GLN H 60 3.46 17.88 24.56
C GLN H 60 3.53 17.06 23.28
N LYS H 61 4.64 16.33 23.07
CA LYS H 61 4.81 15.60 21.83
C LYS H 61 3.85 14.42 21.73
N SER H 62 3.63 13.70 22.84
CA SER H 62 2.70 12.58 22.80
C SER H 62 1.26 13.07 22.60
N MET H 63 0.96 14.27 23.09
CA MET H 63 -0.35 14.84 22.79
C MET H 63 -0.47 15.23 21.33
N SER H 64 0.61 15.73 20.73
CA SER H 64 0.59 15.99 19.29
C SER H 64 0.34 14.69 18.52
N ILE H 65 0.96 13.60 18.98
CA ILE H 65 0.77 12.29 18.35
C ILE H 65 -0.68 11.85 18.45
N LEU H 66 -1.29 12.03 19.62
CA LEU H 66 -2.68 11.60 19.79
C LEU H 66 -3.63 12.47 18.99
N ASN H 67 -3.34 13.76 18.89
CA ASN H 67 -4.15 14.65 18.06
C ASN H 67 -4.11 14.23 16.60
N SER H 68 -2.91 13.90 16.11
CA SER H 68 -2.77 13.41 14.74
C SER H 68 -3.52 12.10 14.56
N PHE H 69 -3.49 11.22 15.57
CA PHE H 69 -4.25 9.98 15.50
C PHE H 69 -5.74 10.24 15.34
N VAL H 70 -6.30 11.13 16.16
CA VAL H 70 -7.73 11.39 16.10
C VAL H 70 -8.11 11.98 14.75
N ASN H 71 -7.32 12.94 14.26
CA ASN H 71 -7.59 13.51 12.94
C ASN H 71 -7.51 12.47 11.83
N ASP H 72 -6.52 11.58 11.91
CA ASP H 72 -6.34 10.55 10.89
C ASP H 72 -7.54 9.61 10.85
N ILE H 73 -7.99 9.16 12.01
CA ILE H 73 -9.11 8.21 12.03
C ILE H 73 -10.39 8.89 11.58
N PHE H 74 -10.59 10.15 11.98
CA PHE H 74 -11.73 10.92 11.49
C PHE H 74 -11.72 10.98 9.98
N GLU H 75 -10.57 11.31 9.39
CA GLU H 75 -10.45 11.38 7.93
C GLU H 75 -10.80 10.05 7.27
N ARG H 76 -10.26 8.95 7.81
CA ARG H 76 -10.52 7.64 7.23
C ARG H 76 -12.00 7.30 7.23
N ILE H 77 -12.65 7.46 8.39
CA ILE H 77 -14.06 7.08 8.49
C ILE H 77 -14.92 7.98 7.63
N ALA H 78 -14.64 9.28 7.63
CA ALA H 78 -15.45 10.20 6.83
C ALA H 78 -15.32 9.92 5.35
N THR H 79 -14.10 9.64 4.87
CA THR H 79 -13.91 9.33 3.46
C THR H 79 -14.63 8.05 3.07
N GLU H 80 -14.55 7.02 3.91
CA GLU H 80 -15.24 5.78 3.57
C GLU H 80 -16.75 5.98 3.57
N ALA H 81 -17.28 6.79 4.50
CA ALA H 81 -18.71 7.05 4.51
C ALA H 81 -19.15 7.81 3.27
N SER H 82 -18.34 8.78 2.83
CA SER H 82 -18.68 9.52 1.62
C SER H 82 -18.68 8.61 0.40
N LYS H 83 -17.69 7.72 0.31
CA LYS H 83 -17.68 6.76 -0.79
C LYS H 83 -18.89 5.84 -0.74
N LEU H 84 -19.28 5.41 0.46
CA LEU H 84 -20.46 4.56 0.60
C LEU H 84 -21.71 5.27 0.12
N ALA H 85 -21.87 6.54 0.47
CA ALA H 85 -23.04 7.30 0.03
C ALA H 85 -23.02 7.49 -1.48
N ALA H 86 -21.85 7.79 -2.06
CA ALA H 86 -21.76 8.01 -3.50
C ALA H 86 -22.03 6.73 -4.28
N TYR H 87 -21.63 5.59 -3.73
CA TYR H 87 -21.83 4.31 -4.40
C TYR H 87 -23.30 4.00 -4.57
N ASN H 88 -24.13 4.44 -3.63
CA ASN H 88 -25.53 4.05 -3.53
C ASN H 88 -26.49 5.10 -4.08
N LYS H 89 -25.97 6.10 -4.80
CA LYS H 89 -26.78 7.16 -5.39
C LYS H 89 -27.53 7.95 -4.32
N LYS H 90 -26.92 8.09 -3.15
CA LYS H 90 -27.48 8.84 -2.04
C LYS H 90 -26.65 10.10 -1.84
N SER H 91 -27.31 11.19 -1.47
CA SER H 91 -26.64 12.47 -1.35
C SER H 91 -26.47 12.93 0.09
N THR H 92 -26.67 12.04 1.06
CA THR H 92 -26.55 12.40 2.47
C THR H 92 -25.77 11.33 3.22
N ILE H 93 -25.01 11.78 4.21
CA ILE H 93 -24.33 10.90 5.15
C ILE H 93 -25.16 10.81 6.42
N SER H 94 -25.54 9.59 6.79
CA SER H 94 -26.36 9.34 7.97
C SER H 94 -25.56 8.50 8.95
N ALA H 95 -26.23 8.06 10.01
CA ALA H 95 -25.56 7.23 11.01
C ALA H 95 -25.29 5.84 10.46
N ARG H 96 -26.07 5.39 9.47
CA ARG H 96 -25.85 4.08 8.89
C ARG H 96 -24.62 4.06 8.00
N GLU H 97 -24.39 5.12 7.24
CA GLU H 97 -23.14 5.25 6.49
C GLU H 97 -21.94 5.21 7.43
N ILE H 98 -22.03 5.91 8.56
CA ILE H 98 -20.91 5.98 9.49
C ILE H 98 -20.71 4.62 10.17
N GLN H 99 -21.80 3.92 10.47
CA GLN H 99 -21.70 2.57 11.03
C GLN H 99 -20.99 1.64 10.07
N THR H 100 -21.40 1.63 8.80
CA THR H 100 -20.75 0.76 7.83
C THR H 100 -19.29 1.15 7.61
N ALA H 101 -18.99 2.44 7.64
CA ALA H 101 -17.60 2.88 7.54
C ALA H 101 -16.78 2.39 8.71
N VAL H 102 -17.33 2.43 9.92
CA VAL H 102 -16.62 1.92 11.09
C VAL H 102 -16.39 0.42 10.96
N ARG H 103 -17.39 -0.30 10.45
CA ARG H 103 -17.24 -1.74 10.30
C ARG H 103 -16.19 -2.08 9.23
N LEU H 104 -16.02 -1.20 8.24
CA LEU H 104 -15.05 -1.47 7.20
C LEU H 104 -13.64 -1.06 7.61
N ILE H 105 -13.51 0.02 8.38
CA ILE H 105 -12.19 0.53 8.72
C ILE H 105 -11.59 -0.24 9.89
N LEU H 106 -12.33 -0.37 10.99
CA LEU H 106 -11.78 -0.91 12.21
C LEU H 106 -11.77 -2.43 12.18
N PRO H 107 -10.69 -3.05 12.68
CA PRO H 107 -10.57 -4.51 12.61
C PRO H 107 -11.19 -5.27 13.78
N GLY H 108 -12.11 -6.16 13.49
CA GLY H 108 -12.53 -7.17 14.45
C GLY H 108 -13.27 -6.63 15.66
N GLU H 109 -12.86 -7.14 16.84
CA GLU H 109 -13.54 -6.78 18.08
C GLU H 109 -13.44 -5.29 18.36
N LEU H 110 -12.37 -4.65 17.88
CA LEU H 110 -12.26 -3.21 17.99
C LEU H 110 -13.41 -2.52 17.25
N ALA H 111 -13.77 -3.04 16.08
CA ALA H 111 -14.93 -2.53 15.36
C ALA H 111 -16.23 -2.89 16.07
N LYS H 112 -16.27 -4.07 16.70
CA LYS H 112 -17.49 -4.49 17.37
C LYS H 112 -17.81 -3.58 18.56
N HIS H 113 -16.79 -3.14 19.29
CA HIS H 113 -17.02 -2.30 20.46
C HIS H 113 -17.31 -0.85 20.08
N ALA H 114 -16.82 -0.41 18.92
CA ALA H 114 -17.09 0.96 18.50
C ALA H 114 -18.52 1.10 17.99
N VAL H 115 -19.06 0.04 17.40
CA VAL H 115 -20.44 0.08 16.94
C VAL H 115 -21.40 0.19 18.13
N SER H 116 -21.12 -0.56 19.19
CA SER H 116 -22.01 -0.54 20.36
C SER H 116 -21.86 0.78 21.12
N GLU H 117 -20.65 1.34 21.16
CA GLU H 117 -20.46 2.63 21.81
C GLU H 117 -21.08 3.76 21.00
N GLY H 118 -21.07 3.65 19.68
CA GLY H 118 -21.66 4.69 18.86
C GLY H 118 -23.18 4.59 18.79
N THR H 119 -23.71 3.38 18.92
CA THR H 119 -25.17 3.21 18.90
C THR H 119 -25.79 3.69 20.21
N ARG H 120 -25.07 3.50 21.32
CA ARG H 120 -25.56 3.98 22.61
C ARG H 120 -25.67 5.50 22.62
N ALA H 121 -24.76 6.18 21.93
CA ALA H 121 -24.77 7.65 21.93
C ALA H 121 -25.92 8.18 21.07
N VAL H 122 -26.13 7.58 19.90
CA VAL H 122 -27.21 8.02 19.03
C VAL H 122 -28.56 7.77 19.67
N THR H 123 -28.69 6.68 20.43
CA THR H 123 -29.95 6.38 21.09
C THR H 123 -30.23 7.36 22.21
N LYS H 124 -29.25 7.61 23.08
CA LYS H 124 -29.47 8.50 24.21
C LYS H 124 -29.72 9.92 23.76
N TYR H 125 -28.96 10.39 22.76
CA TYR H 125 -29.16 11.75 22.26
C TYR H 125 -30.53 11.91 21.63
N SER H 126 -30.99 10.89 20.90
CA SER H 126 -32.30 10.97 20.25
C SER H 126 -33.42 11.05 21.28
N SER H 127 -33.35 10.24 22.33
CA SER H 127 -34.40 10.27 23.35
C SER H 127 -34.43 11.61 24.07
N SER H 128 -33.26 12.16 24.39
CA SER H 128 -33.19 13.45 25.07
C SER H 128 -33.68 14.57 24.16
N THR H 129 -33.37 14.50 22.87
CA THR H 129 -33.83 15.52 21.93
C THR H 129 -35.19 15.12 21.35
N GLU K 21 21.16 18.14 -16.61
CA GLU K 21 22.23 17.67 -15.73
C GLU K 21 22.48 16.18 -15.87
N VAL K 22 22.43 15.69 -17.11
CA VAL K 22 22.71 14.30 -17.43
C VAL K 22 23.88 14.26 -18.40
N GLN K 23 24.80 13.34 -18.19
CA GLN K 23 25.96 13.18 -19.05
C GLN K 23 26.15 11.69 -19.34
N LEU K 24 26.33 11.38 -20.62
CA LEU K 24 26.61 10.00 -21.05
C LEU K 24 28.09 9.92 -21.42
N GLN K 25 28.92 9.59 -20.43
CA GLN K 25 30.35 9.52 -20.66
C GLN K 25 30.68 8.36 -21.61
N GLN K 26 31.62 8.61 -22.51
CA GLN K 26 32.01 7.64 -23.53
C GLN K 26 33.52 7.56 -23.57
N SER K 27 34.03 6.40 -23.99
CA SER K 27 35.47 6.15 -23.94
C SER K 27 36.19 6.96 -25.01
N GLY K 28 37.52 6.89 -24.98
CA GLY K 28 38.36 7.60 -25.92
C GLY K 28 38.48 6.89 -27.24
N PRO K 29 39.22 7.48 -28.17
CA PRO K 29 39.37 6.85 -29.50
C PRO K 29 40.32 5.67 -29.46
N GLU K 30 39.97 4.63 -30.21
CA GLU K 30 40.76 3.41 -30.26
C GLU K 30 40.86 2.92 -31.71
N LEU K 31 42.07 2.54 -32.10
CA LEU K 31 42.36 2.07 -33.44
C LEU K 31 42.63 0.58 -33.40
N VAL K 32 41.96 -0.18 -34.28
CA VAL K 32 42.08 -1.62 -34.31
C VAL K 32 42.35 -2.08 -35.74
N GLU K 33 43.04 -3.21 -35.85
CA GLU K 33 43.21 -3.89 -37.12
C GLU K 33 41.93 -4.66 -37.46
N PRO K 34 41.74 -5.03 -38.72
CA PRO K 34 40.57 -5.84 -39.07
C PRO K 34 40.55 -7.16 -38.31
N GLY K 35 39.36 -7.53 -37.83
CA GLY K 35 39.16 -8.81 -37.20
C GLY K 35 39.10 -8.81 -35.69
N THR K 36 39.57 -7.77 -35.02
CA THR K 36 39.60 -7.73 -33.56
C THR K 36 38.45 -6.86 -33.05
N SER K 37 37.58 -7.45 -32.25
CA SER K 37 36.34 -6.81 -31.84
C SER K 37 36.59 -5.68 -30.85
N VAL K 38 35.65 -4.73 -30.82
CA VAL K 38 35.75 -3.54 -29.98
C VAL K 38 34.52 -3.46 -29.08
N LYS K 39 34.74 -3.05 -27.84
CA LYS K 39 33.66 -2.80 -26.88
C LYS K 39 33.71 -1.35 -26.44
N MET K 40 32.59 -0.66 -26.53
CA MET K 40 32.47 0.75 -26.15
C MET K 40 31.38 0.92 -25.12
N PRO K 41 31.62 1.71 -24.07
CA PRO K 41 30.61 1.89 -23.03
C PRO K 41 29.76 3.15 -23.19
N CYS K 42 28.64 3.17 -22.47
CA CYS K 42 27.81 4.35 -22.25
C CYS K 42 27.58 4.49 -20.75
N LYS K 43 28.49 5.18 -20.07
CA LYS K 43 28.30 5.46 -18.65
C LYS K 43 27.30 6.60 -18.48
N ALA K 44 26.20 6.31 -17.81
CA ALA K 44 25.09 7.24 -17.67
C ALA K 44 24.98 7.68 -16.22
N SER K 45 24.87 8.98 -15.99
CA SER K 45 24.71 9.53 -14.67
C SER K 45 23.78 10.74 -14.73
N GLY K 46 23.08 10.98 -13.63
CA GLY K 46 22.18 12.11 -13.53
C GLY K 46 20.73 11.81 -13.78
N TYR K 47 20.34 10.54 -13.87
CA TYR K 47 18.96 10.18 -14.14
C TYR K 47 18.74 8.73 -13.73
N THR K 48 17.47 8.36 -13.57
CA THR K 48 17.13 6.97 -13.27
C THR K 48 17.42 6.08 -14.47
N PHE K 49 18.38 5.17 -14.31
CA PHE K 49 19.00 4.52 -15.47
C PHE K 49 18.03 3.60 -16.19
N THR K 50 17.02 3.09 -15.48
CA THR K 50 16.18 2.05 -16.06
C THR K 50 15.03 2.64 -16.87
N SER K 51 14.75 3.93 -16.74
CA SER K 51 13.54 4.48 -17.31
C SER K 51 13.73 4.94 -18.76
N TYR K 52 14.97 4.96 -19.23
CA TYR K 52 15.29 5.48 -20.56
C TYR K 52 16.06 4.45 -21.35
N THR K 53 15.73 4.32 -22.64
CA THR K 53 16.51 3.50 -23.53
C THR K 53 17.82 4.20 -23.90
N ILE K 54 18.76 3.43 -24.43
CA ILE K 54 20.04 3.95 -24.89
C ILE K 54 20.16 3.64 -26.38
N GLN K 55 20.28 4.68 -27.19
CA GLN K 55 20.28 4.56 -28.64
C GLN K 55 21.70 4.72 -29.15
N TRP K 56 22.04 3.99 -30.20
CA TRP K 56 23.39 3.96 -30.75
C TRP K 56 23.34 4.42 -32.20
N VAL K 57 24.18 5.39 -32.55
CA VAL K 57 24.13 6.07 -33.84
C VAL K 57 25.53 6.11 -34.44
N LYS K 58 25.64 5.83 -35.73
CA LYS K 58 26.88 5.85 -36.48
C LYS K 58 26.91 7.05 -37.41
N GLN K 59 28.03 7.76 -37.45
CA GLN K 59 28.19 8.90 -38.34
C GLN K 59 29.44 8.73 -39.19
N THR K 60 29.26 8.80 -40.50
CA THR K 60 30.32 8.70 -41.50
C THR K 60 30.17 9.85 -42.48
N PRO K 61 31.22 10.17 -43.24
CA PRO K 61 31.04 11.17 -44.29
C PRO K 61 30.49 10.60 -45.57
N ARG K 62 30.57 9.27 -45.75
CA ARG K 62 30.06 8.65 -46.97
C ARG K 62 28.54 8.61 -46.97
N GLN K 63 27.93 8.30 -45.83
CA GLN K 63 26.48 8.18 -45.75
C GLN K 63 25.84 9.11 -44.73
N GLY K 64 26.60 9.65 -43.79
CA GLY K 64 26.00 10.47 -42.76
C GLY K 64 25.63 9.67 -41.52
N LEU K 65 24.53 10.08 -40.90
CA LEU K 65 24.10 9.46 -39.65
C LEU K 65 23.22 8.26 -39.93
N GLU K 66 23.44 7.18 -39.18
CA GLU K 66 22.60 5.99 -39.24
C GLU K 66 22.30 5.48 -37.84
N TRP K 67 21.15 4.83 -37.71
CA TRP K 67 20.67 4.30 -36.43
C TRP K 67 21.01 2.82 -36.38
N ILE K 68 21.78 2.42 -35.36
CA ILE K 68 22.13 1.01 -35.20
C ILE K 68 21.05 0.27 -34.44
N GLY K 69 20.75 0.71 -33.22
CA GLY K 69 19.75 0.05 -32.41
C GLY K 69 19.69 0.68 -31.04
N TYR K 70 18.93 0.04 -30.16
CA TYR K 70 18.79 0.53 -28.79
C TYR K 70 18.68 -0.65 -27.84
N ILE K 71 18.98 -0.38 -26.57
CA ILE K 71 18.78 -1.32 -25.48
C ILE K 71 17.95 -0.64 -24.41
N TYR K 72 16.99 -1.37 -23.83
CA TYR K 72 16.18 -0.85 -22.76
C TYR K 72 16.63 -1.48 -21.46
N PRO K 73 17.33 -0.75 -20.59
CA PRO K 73 17.90 -1.39 -19.39
C PRO K 73 16.86 -2.01 -18.46
N TYR K 74 15.62 -1.52 -18.49
CA TYR K 74 14.63 -1.94 -17.52
C TYR K 74 14.29 -3.41 -17.68
N ASN K 75 14.16 -3.88 -18.93
CA ASN K 75 13.90 -5.28 -19.21
C ASN K 75 14.96 -5.91 -20.11
N ALA K 76 16.07 -5.20 -20.37
CA ALA K 76 17.16 -5.70 -21.19
C ALA K 76 16.67 -6.09 -22.59
N GLY K 77 15.75 -5.30 -23.13
CA GLY K 77 15.16 -5.55 -24.43
C GLY K 77 15.86 -4.71 -25.48
N THR K 78 16.14 -5.34 -26.63
CA THR K 78 16.93 -4.75 -27.69
C THR K 78 16.12 -4.71 -28.98
N LYS K 79 16.49 -3.79 -29.86
CA LYS K 79 15.98 -3.72 -31.22
C LYS K 79 17.09 -3.15 -32.10
N TYR K 80 17.26 -3.72 -33.28
CA TYR K 80 18.39 -3.40 -34.14
C TYR K 80 17.92 -2.90 -35.50
N ASN K 81 18.80 -2.19 -36.18
CA ASN K 81 18.59 -1.88 -37.59
C ASN K 81 18.84 -3.14 -38.43
N GLU K 82 18.18 -3.20 -39.57
CA GLU K 82 18.31 -4.38 -40.43
C GLU K 82 19.74 -4.53 -40.92
N LYS K 83 20.40 -3.44 -41.28
CA LYS K 83 21.76 -3.51 -41.79
C LYS K 83 22.73 -4.04 -40.74
N PHE K 84 22.59 -3.59 -39.50
CA PHE K 84 23.59 -3.84 -38.46
C PHE K 84 23.30 -5.08 -37.64
N LYS K 85 22.26 -5.85 -37.96
CA LYS K 85 22.02 -7.10 -37.26
C LYS K 85 23.15 -8.08 -37.54
N GLY K 86 23.69 -8.66 -36.47
CA GLY K 86 24.85 -9.53 -36.58
C GLY K 86 26.19 -8.82 -36.51
N LYS K 87 26.21 -7.50 -36.69
CA LYS K 87 27.44 -6.73 -36.60
C LYS K 87 27.55 -5.93 -35.31
N ALA K 88 26.44 -5.76 -34.59
CA ALA K 88 26.43 -5.05 -33.32
C ALA K 88 25.64 -5.86 -32.31
N THR K 89 26.06 -5.80 -31.05
CA THR K 89 25.41 -6.51 -29.96
C THR K 89 25.39 -5.60 -28.74
N LEU K 90 24.22 -5.43 -28.14
CA LEU K 90 24.02 -4.47 -27.08
C LEU K 90 23.81 -5.20 -25.75
N THR K 91 24.54 -4.77 -24.73
CA THR K 91 24.44 -5.32 -23.39
C THR K 91 24.36 -4.19 -22.38
N SER K 92 23.83 -4.49 -21.20
CA SER K 92 23.72 -3.51 -20.14
C SER K 92 24.08 -4.17 -18.81
N ASP K 93 24.58 -3.34 -17.88
CA ASP K 93 24.93 -3.78 -16.53
C ASP K 93 24.37 -2.76 -15.56
N LYS K 94 23.25 -3.12 -14.91
CA LYS K 94 22.56 -2.17 -14.03
C LYS K 94 23.42 -1.79 -12.83
N SER K 95 24.19 -2.75 -12.30
CA SER K 95 25.02 -2.47 -11.13
C SER K 95 26.05 -1.39 -11.42
N SER K 96 26.70 -1.45 -12.58
CA SER K 96 27.66 -0.44 -12.97
C SER K 96 27.06 0.71 -13.75
N SER K 97 25.75 0.65 -14.05
CA SER K 97 25.05 1.70 -14.79
C SER K 97 25.71 1.95 -16.15
N THR K 98 26.06 0.88 -16.84
CA THR K 98 26.83 0.97 -18.07
C THR K 98 26.16 0.16 -19.16
N VAL K 99 26.17 0.69 -20.38
CA VAL K 99 25.69 -0.01 -21.56
C VAL K 99 26.84 -0.11 -22.55
N TYR K 100 27.12 -1.33 -23.01
CA TYR K 100 28.19 -1.59 -23.97
C TYR K 100 27.60 -1.91 -25.33
N MET K 101 28.27 -1.45 -26.38
CA MET K 101 28.01 -1.92 -27.74
C MET K 101 29.28 -2.59 -28.26
N GLU K 102 29.12 -3.77 -28.83
CA GLU K 102 30.24 -4.58 -29.29
C GLU K 102 30.11 -4.86 -30.78
N LEU K 103 31.16 -4.57 -31.52
CA LEU K 103 31.21 -4.83 -32.96
C LEU K 103 32.13 -6.01 -33.21
N SER K 104 31.72 -6.89 -34.12
CA SER K 104 32.50 -8.07 -34.46
C SER K 104 32.64 -8.18 -35.97
N SER K 105 33.70 -8.88 -36.40
CA SER K 105 34.01 -9.04 -37.82
C SER K 105 34.17 -7.70 -38.51
N LEU K 106 35.15 -6.93 -38.04
CA LEU K 106 35.31 -5.56 -38.48
C LEU K 106 35.88 -5.48 -39.89
N THR K 107 35.66 -4.34 -40.52
CA THR K 107 36.08 -4.04 -41.88
C THR K 107 36.55 -2.59 -41.88
N SER K 108 37.34 -2.22 -42.89
CA SER K 108 37.84 -0.86 -42.98
C SER K 108 36.70 0.16 -43.01
N GLU K 109 35.52 -0.27 -43.44
CA GLU K 109 34.39 0.65 -43.51
C GLU K 109 33.73 0.85 -42.15
N ASP K 110 34.09 0.01 -41.17
CA ASP K 110 33.57 0.19 -39.82
C ASP K 110 34.12 1.45 -39.17
N SER K 111 35.11 2.07 -39.81
CA SER K 111 35.71 3.29 -39.27
C SER K 111 34.69 4.42 -39.28
N ALA K 112 34.33 4.89 -38.08
CA ALA K 112 33.35 5.95 -37.93
C ALA K 112 33.38 6.51 -36.52
N VAL K 113 32.41 7.38 -36.19
CA VAL K 113 32.19 7.87 -34.85
C VAL K 113 30.86 7.33 -34.37
N TYR K 114 30.87 6.65 -33.24
CA TYR K 114 29.68 6.01 -32.68
C TYR K 114 29.21 6.77 -31.46
N TYR K 115 28.04 7.38 -31.55
CA TYR K 115 27.43 8.09 -30.44
C TYR K 115 26.43 7.21 -29.72
N CYS K 116 26.43 7.30 -28.39
CA CYS K 116 25.41 6.70 -27.54
C CYS K 116 24.53 7.82 -26.99
N ALA K 117 23.22 7.71 -27.22
CA ALA K 117 22.26 8.75 -26.88
C ALA K 117 21.07 8.11 -26.18
N ARG K 118 20.49 8.84 -25.23
CA ARG K 118 19.36 8.33 -24.47
C ARG K 118 18.05 8.83 -25.06
N LYS K 119 17.05 7.95 -25.08
CA LYS K 119 15.70 8.30 -25.50
C LYS K 119 14.70 7.68 -24.53
N SER K 120 13.75 8.47 -24.06
CA SER K 120 12.76 7.95 -23.13
C SER K 120 11.84 6.95 -23.82
N SER K 121 11.18 6.13 -23.00
CA SER K 121 10.25 5.14 -23.55
C SER K 121 9.00 5.78 -24.11
N ARG K 122 8.77 7.06 -23.82
CA ARG K 122 7.63 7.76 -24.37
C ARG K 122 7.68 7.77 -25.90
N LEU K 123 6.53 7.52 -26.52
CA LEU K 123 6.45 7.44 -27.97
C LEU K 123 6.76 8.78 -28.61
N ARG K 124 6.60 9.87 -27.85
CA ARG K 124 6.72 11.20 -28.43
C ARG K 124 8.13 11.76 -28.22
N SER K 125 8.81 11.33 -27.17
CA SER K 125 10.12 11.89 -26.84
C SER K 125 11.16 11.47 -27.85
N THR K 126 12.23 12.26 -27.96
CA THR K 126 13.26 12.06 -28.96
C THR K 126 14.60 11.70 -28.31
N LEU K 127 15.63 11.54 -29.13
CA LEU K 127 16.99 11.27 -28.65
C LEU K 127 17.51 12.57 -28.06
N ASP K 128 17.28 12.76 -26.77
CA ASP K 128 17.35 14.10 -26.19
C ASP K 128 18.74 14.46 -25.67
N TYR K 129 19.53 13.48 -25.25
CA TYR K 129 20.91 13.75 -24.83
C TYR K 129 21.87 12.78 -25.50
N TRP K 130 22.95 13.32 -26.03
CA TRP K 130 23.94 12.56 -26.80
C TRP K 130 25.23 12.44 -26.01
N GLY K 131 25.97 11.37 -26.25
CA GLY K 131 27.27 11.22 -25.63
C GLY K 131 28.33 12.04 -26.34
N GLN K 132 29.52 12.10 -25.72
CA GLN K 132 30.61 12.85 -26.32
C GLN K 132 31.06 12.21 -27.63
N GLY K 133 30.81 10.92 -27.79
CA GLY K 133 31.21 10.22 -28.99
C GLY K 133 32.59 9.61 -28.84
N THR K 134 32.80 8.49 -29.50
CA THR K 134 34.10 7.82 -29.56
C THR K 134 34.39 7.47 -31.00
N SER K 135 35.60 7.81 -31.47
CA SER K 135 35.99 7.65 -32.86
C SER K 135 36.90 6.45 -32.99
N VAL K 136 36.53 5.50 -33.84
CA VAL K 136 37.32 4.31 -34.08
C VAL K 136 37.58 4.21 -35.58
N THR K 137 38.75 3.69 -35.94
CA THR K 137 39.11 3.50 -37.34
C THR K 137 39.78 2.14 -37.50
N VAL K 138 39.43 1.44 -38.58
CA VAL K 138 40.02 0.14 -38.85
C VAL K 138 41.08 0.27 -39.93
N SER K 139 42.30 -0.13 -39.59
CA SER K 139 43.43 0.04 -40.50
C SER K 139 43.94 -1.28 -41.04
N GLY K 154 18.03 -1.89 -47.82
CA GLY K 154 16.73 -1.56 -47.25
C GLY K 154 15.86 -0.76 -48.19
N SER K 155 14.70 -1.31 -48.54
CA SER K 155 13.83 -0.65 -49.51
C SER K 155 12.65 0.02 -48.82
N MET K 156 12.06 -0.64 -47.82
CA MET K 156 10.84 -0.11 -47.21
C MET K 156 11.14 0.93 -46.14
N ASP K 157 12.41 1.13 -45.81
CA ASP K 157 12.77 2.17 -44.85
C ASP K 157 12.45 3.54 -45.43
N ILE K 158 11.84 4.40 -44.60
CA ILE K 158 11.55 5.75 -45.07
C ILE K 158 12.84 6.52 -45.32
N LYS K 159 12.93 7.12 -46.50
CA LYS K 159 14.03 8.01 -46.85
C LYS K 159 13.55 9.43 -46.63
N MET K 160 14.31 10.19 -45.85
CA MET K 160 13.94 11.56 -45.53
C MET K 160 14.82 12.50 -46.32
N THR K 161 14.19 13.41 -47.06
CA THR K 161 14.88 14.24 -48.05
C THR K 161 14.90 15.68 -47.59
N GLN K 162 16.10 16.24 -47.42
CA GLN K 162 16.27 17.64 -47.08
C GLN K 162 16.44 18.43 -48.38
N SER K 163 15.69 19.53 -48.49
CA SER K 163 15.69 20.25 -49.76
C SER K 163 16.95 21.08 -49.99
N PRO K 164 17.39 21.98 -49.09
CA PRO K 164 18.66 22.66 -49.32
C PRO K 164 19.83 21.85 -48.79
N SER K 165 20.75 21.45 -49.67
CA SER K 165 21.95 20.77 -49.20
C SER K 165 22.89 21.74 -48.49
N SER K 166 22.89 22.99 -48.94
CA SER K 166 23.66 24.05 -48.29
C SER K 166 23.02 25.38 -48.67
N MET K 167 23.18 26.37 -47.80
CA MET K 167 22.64 27.70 -48.09
C MET K 167 23.38 28.74 -47.25
N HIS K 168 23.60 29.91 -47.86
CA HIS K 168 24.28 31.02 -47.22
C HIS K 168 23.23 32.07 -46.85
N ALA K 169 23.38 32.67 -45.67
CA ALA K 169 22.44 33.69 -45.21
C ALA K 169 23.12 34.64 -44.24
N SER K 170 22.84 35.93 -44.39
CA SER K 170 23.39 36.94 -43.50
C SER K 170 22.75 36.88 -42.13
N LEU K 171 23.28 37.69 -41.21
CA LEU K 171 22.74 37.73 -39.85
C LEU K 171 21.37 38.39 -39.85
N GLY K 172 20.48 37.88 -38.99
CA GLY K 172 19.17 38.48 -38.83
C GLY K 172 18.18 38.22 -39.94
N GLU K 173 18.35 37.15 -40.71
CA GLU K 173 17.47 36.82 -41.82
C GLU K 173 16.76 35.52 -41.52
N ARG K 174 15.59 35.32 -42.12
CA ARG K 174 14.85 34.08 -41.89
C ARG K 174 15.36 32.97 -42.82
N VAL K 175 15.58 31.79 -42.23
CA VAL K 175 16.10 30.62 -42.93
C VAL K 175 15.13 29.48 -42.72
N THR K 176 14.84 28.74 -43.78
CA THR K 176 13.91 27.62 -43.74
C THR K 176 14.56 26.38 -44.32
N ILE K 177 14.30 25.23 -43.72
CA ILE K 177 14.80 23.94 -44.17
C ILE K 177 13.61 22.99 -44.27
N THR K 178 13.58 22.18 -45.32
CA THR K 178 12.45 21.29 -45.58
C THR K 178 12.93 19.84 -45.59
N CYS K 179 12.30 18.98 -44.78
CA CYS K 179 12.57 17.54 -44.79
C CYS K 179 11.27 16.81 -45.15
N LYS K 180 11.16 16.38 -46.41
CA LYS K 180 10.03 15.57 -46.85
C LYS K 180 10.22 14.12 -46.43
N ALA K 181 9.13 13.37 -46.42
CA ALA K 181 9.14 11.98 -45.95
C ALA K 181 8.61 11.05 -47.03
N SER K 182 9.24 9.87 -47.15
CA SER K 182 8.79 8.89 -48.14
C SER K 182 7.41 8.36 -47.81
N GLN K 183 7.12 8.12 -46.54
CA GLN K 183 5.82 7.66 -46.08
C GLN K 183 5.29 8.61 -45.01
N ASP K 184 4.08 8.34 -44.56
CA ASP K 184 3.46 9.21 -43.56
C ASP K 184 4.00 8.92 -42.18
N ILE K 185 4.51 9.96 -41.52
CA ILE K 185 4.78 9.96 -40.09
C ILE K 185 3.93 11.06 -39.47
N ARG K 186 3.21 10.72 -38.40
CA ARG K 186 2.20 11.66 -37.91
C ARG K 186 2.83 12.97 -37.45
N SER K 187 3.60 12.94 -36.37
CA SER K 187 4.31 14.13 -35.93
C SER K 187 5.68 13.78 -35.37
N TYR K 188 6.10 12.53 -35.55
CA TYR K 188 7.36 12.06 -34.95
C TYR K 188 8.53 12.44 -35.85
N LEU K 189 8.98 13.68 -35.69
CA LEU K 189 10.14 14.18 -36.41
C LEU K 189 10.84 15.21 -35.54
N SER K 190 12.16 15.09 -35.43
CA SER K 190 12.94 15.96 -34.57
C SER K 190 14.10 16.55 -35.36
N TRP K 191 14.49 17.77 -34.99
CA TRP K 191 15.51 18.53 -35.67
C TRP K 191 16.76 18.63 -34.80
N TYR K 192 17.91 18.34 -35.39
CA TYR K 192 19.17 18.25 -34.68
C TYR K 192 20.16 19.23 -35.29
N GLN K 193 20.93 19.90 -34.44
CA GLN K 193 22.03 20.76 -34.89
C GLN K 193 23.34 20.14 -34.41
N GLN K 194 24.24 19.87 -35.36
CA GLN K 194 25.55 19.30 -35.04
C GLN K 194 26.62 20.25 -35.55
N LYS K 195 27.42 20.79 -34.63
CA LYS K 195 28.58 21.58 -34.99
C LYS K 195 29.72 20.66 -35.41
N PRO K 196 30.70 21.17 -36.15
CA PRO K 196 31.80 20.31 -36.62
C PRO K 196 32.54 19.64 -35.47
N TRP K 197 32.67 18.32 -35.56
CA TRP K 197 33.37 17.51 -34.57
C TRP K 197 32.83 17.71 -33.15
N LYS K 198 31.50 17.76 -33.03
CA LYS K 198 30.83 17.78 -31.75
C LYS K 198 29.58 16.92 -31.82
N SER K 199 29.07 16.55 -30.65
CA SER K 199 27.87 15.75 -30.60
C SER K 199 26.65 16.59 -30.99
N PRO K 200 25.65 15.99 -31.64
CA PRO K 200 24.48 16.78 -32.04
C PRO K 200 23.71 17.34 -30.85
N LYS K 201 23.02 18.45 -31.10
CA LYS K 201 22.18 19.10 -30.10
C LYS K 201 20.73 19.03 -30.55
N THR K 202 19.83 18.69 -29.64
CA THR K 202 18.42 18.57 -29.98
C THR K 202 17.76 19.94 -29.95
N LEU K 203 17.02 20.25 -31.02
CA LEU K 203 16.35 21.54 -31.16
C LEU K 203 14.84 21.45 -30.95
N ILE K 204 14.17 20.61 -31.72
CA ILE K 204 12.72 20.44 -31.67
C ILE K 204 12.39 18.96 -31.73
N TYR K 205 11.46 18.52 -30.89
CA TYR K 205 10.91 17.17 -30.94
C TYR K 205 9.42 17.27 -31.19
N TYR K 206 8.83 16.19 -31.69
CA TYR K 206 7.42 16.10 -32.04
C TYR K 206 7.02 17.12 -33.09
N ALA K 207 7.99 17.64 -33.84
CA ALA K 207 7.88 18.54 -34.99
C ALA K 207 7.46 19.96 -34.64
N THR K 208 7.00 20.23 -33.42
CA THR K 208 6.69 21.60 -33.05
C THR K 208 7.32 21.98 -31.71
N SER K 209 7.36 21.03 -30.78
CA SER K 209 7.77 21.33 -29.41
C SER K 209 9.24 21.69 -29.33
N LEU K 210 9.54 22.76 -28.62
CA LEU K 210 10.92 23.22 -28.50
C LEU K 210 11.66 22.45 -27.41
N ALA K 211 12.81 21.90 -27.77
CA ALA K 211 13.61 21.14 -26.81
C ALA K 211 14.08 22.04 -25.68
N ASP K 212 14.20 21.45 -24.49
CA ASP K 212 14.45 22.24 -23.29
C ASP K 212 15.85 22.87 -23.34
N GLY K 213 15.90 24.17 -23.07
CA GLY K 213 17.15 24.91 -23.11
C GLY K 213 17.51 25.47 -24.46
N VAL K 214 16.54 25.59 -25.36
CA VAL K 214 16.79 26.05 -26.73
C VAL K 214 16.16 27.42 -26.92
N PRO K 215 16.90 28.39 -27.47
CA PRO K 215 16.32 29.72 -27.70
C PRO K 215 15.07 29.65 -28.57
N SER K 216 14.12 30.54 -28.29
CA SER K 216 12.83 30.52 -28.96
C SER K 216 12.92 30.93 -30.43
N ARG K 217 14.10 31.35 -30.90
CA ARG K 217 14.26 31.71 -32.30
C ARG K 217 13.94 30.54 -33.22
N PHE K 218 14.23 29.32 -32.77
CA PHE K 218 13.99 28.14 -33.58
C PHE K 218 12.52 27.77 -33.53
N SER K 219 11.95 27.44 -34.69
CA SER K 219 10.55 27.02 -34.78
C SER K 219 10.44 25.85 -35.73
N GLY K 220 9.45 25.01 -35.48
CA GLY K 220 9.18 23.85 -36.33
C GLY K 220 7.73 23.87 -36.77
N SER K 221 7.44 23.16 -37.86
CA SER K 221 6.10 23.15 -38.42
C SER K 221 5.90 21.87 -39.22
N GLY K 222 4.63 21.60 -39.54
CA GLY K 222 4.30 20.57 -40.48
C GLY K 222 3.78 19.31 -39.82
N SER K 223 3.15 18.46 -40.65
CA SER K 223 2.68 17.16 -40.23
C SER K 223 2.51 16.30 -41.47
N GLY K 224 2.45 14.99 -41.27
CA GLY K 224 2.29 14.12 -42.41
C GLY K 224 3.62 13.83 -43.07
N GLN K 225 3.87 14.49 -44.19
CA GLN K 225 5.10 14.22 -44.94
C GLN K 225 5.95 15.48 -45.11
N ASP K 226 5.36 16.65 -44.89
CA ASP K 226 6.04 17.92 -45.10
C ASP K 226 6.30 18.59 -43.75
N PHE K 227 7.57 18.75 -43.41
CA PHE K 227 8.00 19.40 -42.19
C PHE K 227 9.05 20.46 -42.53
N SER K 228 9.25 21.41 -41.63
CA SER K 228 10.15 22.51 -41.90
C SER K 228 10.77 23.03 -40.61
N LEU K 229 12.04 23.45 -40.72
CA LEU K 229 12.76 24.12 -39.65
C LEU K 229 13.00 25.56 -40.03
N THR K 230 12.72 26.48 -39.11
CA THR K 230 12.89 27.91 -39.36
C THR K 230 13.77 28.52 -38.28
N ILE K 231 14.82 29.21 -38.70
CA ILE K 231 15.68 29.97 -37.81
C ILE K 231 15.40 31.44 -38.08
N ASN K 232 14.97 32.18 -37.06
CA ASN K 232 14.48 33.53 -37.28
C ASN K 232 15.61 34.54 -37.29
N ASN K 233 16.36 34.65 -36.19
CA ASN K 233 17.48 35.57 -36.09
C ASN K 233 18.77 34.76 -36.05
N LEU K 234 19.51 34.77 -37.16
CA LEU K 234 20.80 34.08 -37.18
C LEU K 234 21.83 34.83 -36.33
N GLU K 235 22.87 34.10 -35.96
CA GLU K 235 23.89 34.55 -35.02
C GLU K 235 25.26 34.15 -35.55
N SER K 236 26.29 34.42 -34.76
CA SER K 236 27.63 34.02 -35.16
C SER K 236 27.79 32.51 -35.15
N ASP K 237 27.29 31.85 -34.10
CA ASP K 237 27.54 30.43 -33.88
C ASP K 237 26.48 29.52 -34.51
N ASP K 238 25.56 30.07 -35.30
CA ASP K 238 24.51 29.27 -35.93
C ASP K 238 24.99 28.54 -37.18
N THR K 239 26.30 28.40 -37.35
CA THR K 239 26.87 27.66 -38.48
C THR K 239 27.04 26.20 -38.06
N ALA K 240 26.22 25.32 -38.66
CA ALA K 240 26.26 23.90 -38.33
C ALA K 240 25.40 23.16 -39.34
N THR K 241 25.48 21.83 -39.29
CA THR K 241 24.63 20.97 -40.10
C THR K 241 23.36 20.63 -39.34
N TYR K 242 22.24 20.60 -40.05
CA TYR K 242 20.93 20.43 -39.44
C TYR K 242 20.26 19.19 -40.02
N TYR K 243 19.93 18.24 -39.15
CA TYR K 243 19.38 16.96 -39.55
C TYR K 243 17.93 16.83 -39.12
N CYS K 244 17.14 16.14 -39.93
CA CYS K 244 15.79 15.74 -39.58
C CYS K 244 15.84 14.26 -39.22
N LEU K 245 15.23 13.88 -38.10
CA LEU K 245 15.17 12.48 -37.70
C LEU K 245 13.72 12.11 -37.48
N GLN K 246 13.31 10.98 -38.06
CA GLN K 246 11.97 10.44 -37.87
C GLN K 246 12.07 9.16 -37.06
N HIS K 247 11.21 9.04 -36.06
CA HIS K 247 11.07 7.78 -35.34
C HIS K 247 9.64 7.23 -35.41
N GLY K 248 8.94 7.44 -36.52
CA GLY K 248 7.60 6.91 -36.66
C GLY K 248 7.58 5.40 -36.84
N GLU K 249 8.46 4.87 -37.69
CA GLU K 249 8.47 3.46 -37.99
C GLU K 249 9.68 2.76 -37.35
N SER K 250 9.75 1.45 -37.57
CA SER K 250 10.67 0.62 -36.79
C SER K 250 12.14 1.00 -36.97
N PRO K 251 12.68 1.20 -38.18
CA PRO K 251 14.03 1.76 -38.27
C PRO K 251 14.00 3.28 -38.34
N TYR K 252 14.73 3.94 -37.45
CA TYR K 252 14.80 5.39 -37.49
C TYR K 252 15.83 5.84 -38.49
N THR K 253 15.45 6.77 -39.36
CA THR K 253 16.29 7.24 -40.45
C THR K 253 16.54 8.73 -40.28
N PHE K 254 17.81 9.12 -40.32
CA PHE K 254 18.17 10.52 -40.24
C PHE K 254 18.01 11.18 -41.61
N GLY K 255 18.17 12.50 -41.63
CA GLY K 255 18.09 13.23 -42.88
C GLY K 255 19.37 13.15 -43.67
N SER K 256 19.37 13.87 -44.81
CA SER K 256 20.59 13.92 -45.63
C SER K 256 21.59 14.91 -45.05
N GLY K 257 21.10 16.00 -44.46
CA GLY K 257 21.96 17.02 -43.90
C GLY K 257 21.81 18.34 -44.61
N THR K 258 21.99 19.42 -43.86
CA THR K 258 21.89 20.79 -44.39
C THR K 258 22.81 21.67 -43.57
N LYS K 259 23.92 22.09 -44.16
CA LYS K 259 24.97 22.81 -43.46
C LYS K 259 24.82 24.31 -43.73
N LEU K 260 24.13 24.99 -42.81
CA LEU K 260 24.04 26.44 -42.86
C LEU K 260 25.42 27.06 -42.81
N GLU K 261 25.64 28.05 -43.66
CA GLU K 261 26.87 28.83 -43.67
C GLU K 261 26.50 30.31 -43.69
N ILE K 262 27.28 31.13 -43.00
CA ILE K 262 26.99 32.54 -42.84
C ILE K 262 28.19 33.35 -43.32
N LYS K 263 27.93 34.31 -44.20
CA LYS K 263 28.98 35.17 -44.73
C LYS K 263 28.74 36.63 -44.36
N GLU L 21 -18.58 -22.04 14.31
CA GLU L 21 -18.34 -20.98 15.29
C GLU L 21 -17.17 -21.34 16.19
N VAL L 22 -16.93 -20.49 17.19
CA VAL L 22 -15.76 -20.60 18.06
C VAL L 22 -16.00 -21.72 19.06
N GLN L 23 -15.01 -22.60 19.20
CA GLN L 23 -15.00 -23.64 20.21
C GLN L 23 -13.58 -23.82 20.72
N LEU L 24 -13.42 -23.92 22.03
CA LEU L 24 -12.13 -24.15 22.65
C LEU L 24 -12.05 -25.60 23.10
N GLN L 25 -11.65 -26.47 22.18
CA GLN L 25 -11.65 -27.92 22.42
C GLN L 25 -10.58 -28.26 23.44
N GLN L 26 -10.95 -29.10 24.40
CA GLN L 26 -10.10 -29.41 25.54
C GLN L 26 -10.08 -30.92 25.76
N SER L 27 -8.99 -31.42 26.33
CA SER L 27 -8.77 -32.85 26.42
C SER L 27 -9.65 -33.49 27.48
N GLY L 28 -9.41 -34.78 27.72
CA GLY L 28 -10.19 -35.56 28.66
C GLY L 28 -9.58 -35.59 30.05
N PRO L 29 -10.27 -36.22 30.99
CA PRO L 29 -9.79 -36.25 32.38
C PRO L 29 -8.51 -37.06 32.50
N GLU L 30 -7.67 -36.68 33.45
CA GLU L 30 -6.37 -37.29 33.67
C GLU L 30 -6.12 -37.52 35.15
N LEU L 31 -5.63 -38.72 35.47
CA LEU L 31 -5.24 -39.10 36.82
C LEU L 31 -3.74 -39.30 36.84
N VAL L 32 -3.09 -38.89 37.93
CA VAL L 32 -1.64 -38.89 38.02
C VAL L 32 -1.20 -38.84 39.47
N GLU L 33 0.02 -39.29 39.72
CA GLU L 33 0.59 -39.34 41.06
C GLU L 33 1.21 -37.99 41.42
N PRO L 34 1.35 -37.71 42.72
CA PRO L 34 1.97 -36.44 43.14
C PRO L 34 3.42 -36.34 42.68
N GLY L 35 3.95 -35.13 42.70
CA GLY L 35 5.31 -34.88 42.28
C GLY L 35 5.55 -35.00 40.78
N THR L 36 4.52 -34.79 39.97
CA THR L 36 4.55 -35.09 38.54
C THR L 36 4.08 -33.87 37.76
N SER L 37 4.41 -33.83 36.47
CA SER L 37 3.97 -32.76 35.59
C SER L 37 2.91 -33.28 34.61
N VAL L 38 1.98 -32.40 34.25
CA VAL L 38 0.87 -32.74 33.36
C VAL L 38 0.65 -31.58 32.39
N LYS L 39 0.34 -31.93 31.13
CA LYS L 39 0.10 -30.94 30.09
C LYS L 39 -1.34 -31.08 29.60
N MET L 40 -2.02 -29.96 29.43
CA MET L 40 -3.39 -29.92 28.94
C MET L 40 -3.45 -29.14 27.63
N PRO L 41 -4.01 -29.72 26.58
CA PRO L 41 -4.18 -28.97 25.32
C PRO L 41 -5.51 -28.24 25.31
N CYS L 42 -5.49 -27.01 24.77
CA CYS L 42 -6.70 -26.22 24.56
C CYS L 42 -6.68 -25.76 23.10
N LYS L 43 -7.23 -26.58 22.22
CA LYS L 43 -7.27 -26.23 20.82
C LYS L 43 -8.34 -25.18 20.56
N ALA L 44 -8.03 -24.24 19.68
CA ALA L 44 -8.94 -23.15 19.34
C ALA L 44 -9.27 -23.22 17.86
N SER L 45 -10.56 -23.09 17.54
CA SER L 45 -11.02 -23.14 16.16
C SER L 45 -12.19 -22.18 16.00
N GLY L 46 -12.40 -21.76 14.75
CA GLY L 46 -13.49 -20.86 14.43
C GLY L 46 -13.16 -19.39 14.55
N TYR L 47 -11.90 -19.03 14.79
CA TYR L 47 -11.51 -17.63 14.89
C TYR L 47 -10.01 -17.51 14.69
N THR L 48 -9.54 -16.28 14.59
CA THR L 48 -8.11 -16.03 14.40
C THR L 48 -7.38 -16.15 15.73
N PHE L 49 -6.34 -16.99 15.75
CA PHE L 49 -5.66 -17.33 16.99
C PHE L 49 -5.01 -16.12 17.65
N THR L 50 -4.37 -15.26 16.86
CA THR L 50 -3.50 -14.25 17.45
C THR L 50 -4.28 -13.08 18.03
N SER L 51 -5.55 -12.93 17.65
CA SER L 51 -6.28 -11.72 18.03
C SER L 51 -6.71 -11.77 19.50
N TYR L 52 -6.89 -12.96 20.06
CA TYR L 52 -7.47 -13.13 21.39
C TYR L 52 -6.47 -13.83 22.30
N THR L 53 -6.50 -13.47 23.58
CA THR L 53 -5.74 -14.20 24.59
C THR L 53 -6.50 -15.44 25.02
N ILE L 54 -5.79 -16.37 25.66
CA ILE L 54 -6.37 -17.58 26.22
C ILE L 54 -6.20 -17.53 27.73
N GLN L 55 -7.31 -17.64 28.45
CA GLN L 55 -7.34 -17.51 29.90
C GLN L 55 -7.56 -18.88 30.53
N TRP L 56 -6.89 -19.15 31.63
CA TRP L 56 -7.03 -20.42 32.35
C TRP L 56 -7.59 -20.19 33.75
N VAL L 57 -8.61 -20.97 34.09
CA VAL L 57 -9.34 -20.86 35.35
C VAL L 57 -9.48 -22.25 35.94
N LYS L 58 -9.40 -22.35 37.27
CA LYS L 58 -9.56 -23.61 37.97
C LYS L 58 -10.75 -23.50 38.92
N GLN L 59 -11.51 -24.59 39.04
CA GLN L 59 -12.72 -24.62 39.87
C GLN L 59 -12.65 -25.77 40.85
N THR L 60 -12.82 -25.46 42.13
CA THR L 60 -12.87 -26.42 43.22
C THR L 60 -14.14 -26.17 44.01
N PRO L 61 -14.52 -27.09 44.90
CA PRO L 61 -15.61 -26.77 45.84
C PRO L 61 -15.16 -25.87 46.97
N ARG L 62 -13.91 -26.01 47.43
CA ARG L 62 -13.46 -25.27 48.60
C ARG L 62 -13.20 -23.80 48.28
N GLN L 63 -12.57 -23.52 47.14
CA GLN L 63 -12.14 -22.17 46.81
C GLN L 63 -12.94 -21.53 45.69
N GLY L 64 -13.95 -22.20 45.17
CA GLY L 64 -14.72 -21.64 44.08
C GLY L 64 -13.88 -21.55 42.82
N LEU L 65 -13.87 -20.37 42.20
CA LEU L 65 -13.17 -20.14 40.95
C LEU L 65 -11.96 -19.26 41.20
N GLU L 66 -10.80 -19.69 40.67
CA GLU L 66 -9.57 -18.93 40.75
C GLU L 66 -9.00 -18.75 39.35
N TRP L 67 -8.43 -17.56 39.10
CA TRP L 67 -7.85 -17.25 37.79
C TRP L 67 -6.35 -17.53 37.86
N ILE L 68 -5.84 -18.30 36.91
CA ILE L 68 -4.43 -18.69 36.94
C ILE L 68 -3.57 -17.69 36.18
N GLY L 69 -3.89 -17.47 34.92
CA GLY L 69 -3.12 -16.57 34.08
C GLY L 69 -3.59 -16.68 32.64
N TYR L 70 -2.85 -16.01 31.76
CA TYR L 70 -3.20 -15.99 30.35
C TYR L 70 -1.94 -15.96 29.51
N ILE L 71 -2.10 -16.28 28.24
CA ILE L 71 -1.06 -16.11 27.24
C ILE L 71 -1.66 -15.39 26.05
N TYR L 72 -0.87 -14.54 25.41
CA TYR L 72 -1.33 -13.82 24.23
C TYR L 72 -0.62 -14.40 23.01
N PRO L 73 -1.29 -15.22 22.21
CA PRO L 73 -0.57 -15.91 21.11
C PRO L 73 0.03 -14.96 20.08
N TYR L 74 -0.42 -13.71 20.03
CA TYR L 74 0.11 -12.78 19.04
C TYR L 74 1.59 -12.51 19.29
N ASN L 75 1.96 -12.21 20.54
CA ASN L 75 3.33 -11.94 20.90
C ASN L 75 3.87 -12.87 21.96
N ALA L 76 3.10 -13.90 22.35
CA ALA L 76 3.52 -14.89 23.34
C ALA L 76 3.88 -14.22 24.67
N GLY L 77 3.04 -13.29 25.10
CA GLY L 77 3.20 -12.61 26.37
C GLY L 77 2.21 -13.14 27.38
N THR L 78 2.72 -13.41 28.59
CA THR L 78 1.95 -14.08 29.63
C THR L 78 1.85 -13.19 30.85
N LYS L 79 0.89 -13.50 31.72
CA LYS L 79 0.73 -12.87 33.03
C LYS L 79 0.19 -13.91 33.98
N TYR L 80 0.71 -13.94 35.21
CA TYR L 80 0.46 -15.01 36.14
C TYR L 80 -0.14 -14.48 37.45
N ASN L 81 -1.13 -15.19 37.96
CA ASN L 81 -1.61 -14.96 39.31
C ASN L 81 -0.52 -15.36 40.30
N GLU L 82 -0.30 -14.51 41.30
CA GLU L 82 0.88 -14.66 42.14
C GLU L 82 0.85 -15.96 42.92
N LYS L 83 -0.35 -16.50 43.19
CA LYS L 83 -0.44 -17.79 43.86
C LYS L 83 0.06 -18.92 42.97
N PHE L 84 0.02 -18.74 41.65
CA PHE L 84 0.42 -19.77 40.70
C PHE L 84 1.71 -19.41 39.97
N LYS L 85 2.54 -18.56 40.57
CA LYS L 85 3.81 -18.20 39.97
C LYS L 85 4.79 -19.37 40.12
N GLY L 86 4.93 -20.15 39.05
CA GLY L 86 5.82 -21.30 39.08
C GLY L 86 5.09 -22.62 38.91
N LYS L 87 3.92 -22.75 39.53
CA LYS L 87 3.17 -23.99 39.44
C LYS L 87 2.54 -24.16 38.05
N ALA L 88 2.21 -23.06 37.38
CA ALA L 88 1.59 -23.11 36.06
C ALA L 88 2.48 -22.43 35.05
N THR L 89 2.65 -23.05 33.89
CA THR L 89 3.46 -22.50 32.80
C THR L 89 2.71 -22.68 31.48
N LEU L 90 2.51 -21.58 30.77
CA LEU L 90 1.80 -21.59 29.49
C LEU L 90 2.77 -21.45 28.33
N THR L 91 2.58 -22.27 27.31
CA THR L 91 3.23 -22.12 26.01
C THR L 91 2.15 -22.18 24.95
N SER L 92 2.45 -21.61 23.78
CA SER L 92 1.50 -21.59 22.67
C SER L 92 2.21 -22.05 21.41
N ASP L 93 1.52 -22.85 20.61
CA ASP L 93 2.03 -23.28 19.31
C ASP L 93 1.11 -22.69 18.23
N LYS L 94 1.65 -21.73 17.48
CA LYS L 94 0.83 -21.04 16.48
C LYS L 94 0.49 -21.98 15.32
N SER L 95 1.25 -23.06 15.15
CA SER L 95 1.04 -23.95 14.02
C SER L 95 -0.27 -24.72 14.15
N SER L 96 -0.58 -25.22 15.35
CA SER L 96 -1.76 -26.06 15.53
C SER L 96 -2.87 -25.37 16.33
N SER L 97 -2.78 -24.06 16.54
CA SER L 97 -3.84 -23.29 17.20
C SER L 97 -4.19 -23.86 18.57
N THR L 98 -3.18 -24.23 19.34
CA THR L 98 -3.38 -24.81 20.67
C THR L 98 -2.50 -24.11 21.68
N VAL L 99 -2.99 -24.05 22.92
CA VAL L 99 -2.25 -23.50 24.05
C VAL L 99 -2.11 -24.59 25.10
N TYR L 100 -0.89 -24.78 25.59
CA TYR L 100 -0.58 -25.83 26.55
C TYR L 100 -0.43 -25.22 27.94
N MET L 101 -0.84 -25.97 28.96
CA MET L 101 -0.69 -25.54 30.35
C MET L 101 0.00 -26.64 31.13
N GLU L 102 1.06 -26.27 31.85
CA GLU L 102 1.88 -27.19 32.61
C GLU L 102 1.68 -26.96 34.10
N LEU L 103 1.25 -27.99 34.81
CA LEU L 103 1.30 -27.99 36.26
C LEU L 103 2.42 -28.92 36.71
N SER L 104 3.29 -28.41 37.59
CA SER L 104 4.48 -29.12 38.02
C SER L 104 4.40 -29.36 39.52
N SER L 105 5.09 -30.41 39.96
CA SER L 105 5.14 -30.80 41.37
C SER L 105 3.73 -30.89 41.96
N LEU L 106 2.93 -31.79 41.39
CA LEU L 106 1.52 -31.86 41.73
C LEU L 106 1.33 -32.26 43.18
N THR L 107 0.38 -31.59 43.84
CA THR L 107 0.13 -31.72 45.27
C THR L 107 -1.35 -32.05 45.45
N SER L 108 -1.73 -32.45 46.67
CA SER L 108 -3.09 -32.91 46.93
C SER L 108 -4.13 -31.86 46.51
N GLU L 109 -3.88 -30.59 46.79
CA GLU L 109 -4.85 -29.56 46.44
C GLU L 109 -4.85 -29.20 44.96
N ASP L 110 -3.92 -29.76 44.19
CA ASP L 110 -3.88 -29.44 42.76
C ASP L 110 -4.98 -30.17 42.00
N SER L 111 -5.87 -30.86 42.72
CA SER L 111 -6.97 -31.58 42.09
C SER L 111 -8.16 -30.64 41.92
N ALA L 112 -8.59 -30.44 40.67
CA ALA L 112 -9.70 -29.55 40.37
C ALA L 112 -10.08 -29.74 38.91
N VAL L 113 -11.00 -28.90 38.45
CA VAL L 113 -11.33 -28.84 37.02
C VAL L 113 -10.73 -27.57 36.43
N TYR L 114 -10.12 -27.68 35.26
CA TYR L 114 -9.37 -26.60 34.65
C TYR L 114 -9.99 -26.22 33.31
N TYR L 115 -10.45 -24.98 33.20
CA TYR L 115 -11.03 -24.47 31.97
C TYR L 115 -10.09 -23.49 31.28
N CYS L 116 -10.08 -23.55 29.96
CA CYS L 116 -9.46 -22.55 29.11
C CYS L 116 -10.58 -21.72 28.47
N ALA L 117 -10.43 -20.40 28.53
CA ALA L 117 -11.47 -19.48 28.10
C ALA L 117 -10.87 -18.38 27.24
N ARG L 118 -11.64 -17.89 26.28
CA ARG L 118 -11.13 -16.91 25.34
C ARG L 118 -11.51 -15.50 25.77
N LYS L 119 -10.52 -14.61 25.83
CA LYS L 119 -10.73 -13.19 26.12
C LYS L 119 -10.05 -12.36 25.05
N SER L 120 -10.73 -11.32 24.58
CA SER L 120 -10.13 -10.42 23.62
C SER L 120 -9.15 -9.48 24.30
N SER L 121 -8.30 -8.85 23.49
CA SER L 121 -7.31 -7.93 24.05
C SER L 121 -7.94 -6.62 24.47
N ARG L 122 -9.15 -6.35 23.98
CA ARG L 122 -9.84 -5.12 24.36
C ARG L 122 -10.20 -5.16 25.83
N LEU L 123 -10.11 -4.01 26.50
CA LEU L 123 -10.28 -3.97 27.94
C LEU L 123 -11.72 -4.23 28.35
N ARG L 124 -12.68 -3.82 27.53
CA ARG L 124 -14.08 -4.02 27.86
C ARG L 124 -14.49 -5.48 27.69
N SER L 125 -13.67 -6.27 27.01
CA SER L 125 -14.02 -7.66 26.73
C SER L 125 -13.94 -8.52 27.97
N THR L 126 -14.75 -9.57 28.00
CA THR L 126 -14.73 -10.55 29.07
C THR L 126 -14.28 -11.90 28.52
N LEU L 127 -14.28 -12.91 29.38
CA LEU L 127 -14.01 -14.29 28.96
C LEU L 127 -15.26 -14.80 28.24
N ASP L 128 -15.22 -14.71 26.91
CA ASP L 128 -16.42 -14.97 26.12
C ASP L 128 -16.80 -16.44 26.13
N TYR L 129 -15.93 -17.32 25.63
CA TYR L 129 -16.24 -18.73 25.46
C TYR L 129 -15.26 -19.56 26.27
N TRP L 130 -15.76 -20.61 26.91
CA TRP L 130 -14.99 -21.47 27.81
C TRP L 130 -14.77 -22.83 27.17
N GLY L 131 -13.76 -23.54 27.65
CA GLY L 131 -13.57 -24.92 27.25
C GLY L 131 -14.31 -25.87 28.16
N GLN L 132 -14.40 -27.13 27.71
CA GLN L 132 -15.15 -28.13 28.47
C GLN L 132 -14.51 -28.39 29.82
N GLY L 133 -13.18 -28.46 29.87
CA GLY L 133 -12.47 -28.59 31.13
C GLY L 133 -12.01 -30.02 31.39
N THR L 134 -10.78 -30.12 31.88
CA THR L 134 -10.19 -31.40 32.28
C THR L 134 -10.26 -31.52 33.79
N SER L 135 -10.59 -32.73 34.26
CA SER L 135 -10.60 -33.02 35.69
C SER L 135 -9.26 -33.68 36.05
N VAL L 136 -8.40 -32.90 36.68
CA VAL L 136 -7.14 -33.38 37.21
C VAL L 136 -7.38 -33.82 38.65
N THR L 137 -7.07 -35.06 38.95
CA THR L 137 -7.22 -35.61 40.30
C THR L 137 -5.92 -36.28 40.72
N VAL L 138 -5.37 -35.85 41.85
CA VAL L 138 -4.16 -36.43 42.41
C VAL L 138 -4.55 -37.48 43.43
N SER L 139 -3.67 -38.45 43.66
CA SER L 139 -3.96 -39.53 44.60
C SER L 139 -2.86 -39.68 45.64
N GLY L 154 -0.18 -11.08 48.46
CA GLY L 154 -1.47 -11.50 47.97
C GLY L 154 -2.63 -11.00 48.81
N SER L 155 -2.44 -9.83 49.44
CA SER L 155 -3.46 -9.23 50.27
C SER L 155 -4.15 -8.03 49.63
N MET L 156 -3.57 -7.45 48.59
CA MET L 156 -4.17 -6.31 47.90
C MET L 156 -5.11 -6.74 46.79
N ASP L 157 -5.63 -7.97 46.85
CA ASP L 157 -6.57 -8.45 45.86
C ASP L 157 -7.91 -7.74 46.02
N ILE L 158 -8.70 -7.75 44.96
CA ILE L 158 -10.04 -7.18 44.96
C ILE L 158 -10.98 -8.24 45.52
N LYS L 159 -11.55 -7.99 46.69
CA LYS L 159 -12.46 -8.95 47.31
C LYS L 159 -13.87 -8.76 46.75
N MET L 160 -14.41 -9.83 46.17
CA MET L 160 -15.68 -9.76 45.47
C MET L 160 -16.75 -10.39 46.34
N THR L 161 -17.56 -9.56 46.98
CA THR L 161 -18.53 -10.01 47.98
C THR L 161 -19.89 -10.16 47.33
N GLN L 162 -20.32 -11.41 47.18
CA GLN L 162 -21.63 -11.72 46.64
C GLN L 162 -22.59 -11.97 47.80
N SER L 163 -23.53 -11.04 48.00
CA SER L 163 -24.30 -11.04 49.25
C SER L 163 -25.24 -12.23 49.37
N PRO L 164 -26.18 -12.48 48.43
CA PRO L 164 -27.08 -13.61 48.59
C PRO L 164 -26.39 -14.92 48.25
N SER L 165 -26.07 -15.71 49.28
CA SER L 165 -25.41 -16.98 49.07
C SER L 165 -26.32 -18.01 48.41
N SER L 166 -27.63 -17.88 48.60
CA SER L 166 -28.62 -18.72 47.93
C SER L 166 -29.97 -18.06 48.06
N MET L 167 -30.92 -18.48 47.21
CA MET L 167 -32.29 -18.03 47.34
C MET L 167 -33.20 -18.93 46.53
N HIS L 168 -34.39 -19.20 47.06
CA HIS L 168 -35.41 -20.00 46.40
C HIS L 168 -36.46 -19.08 45.81
N ALA L 169 -36.92 -19.41 44.61
CA ALA L 169 -37.86 -18.56 43.89
C ALA L 169 -38.81 -19.42 43.09
N SER L 170 -39.95 -18.84 42.75
CA SER L 170 -41.00 -19.51 41.99
C SER L 170 -40.72 -19.33 40.50
N LEU L 171 -41.76 -19.48 39.67
CA LEU L 171 -41.61 -19.73 38.25
C LEU L 171 -41.98 -18.51 37.40
N GLY L 172 -41.40 -17.36 37.73
CA GLY L 172 -41.70 -16.16 36.96
C GLY L 172 -41.65 -14.82 37.66
N GLU L 173 -41.29 -14.77 38.94
CA GLU L 173 -41.05 -13.48 39.59
C GLU L 173 -39.64 -13.01 39.21
N ARG L 174 -39.14 -11.99 39.91
CA ARG L 174 -37.86 -11.37 39.59
C ARG L 174 -36.83 -11.65 40.67
N VAL L 175 -35.56 -11.52 40.32
CA VAL L 175 -34.43 -11.84 41.19
C VAL L 175 -33.44 -10.70 41.12
N THR L 176 -32.72 -10.45 42.22
CA THR L 176 -31.61 -9.52 42.25
C THR L 176 -30.44 -10.16 43.00
N ILE L 177 -29.26 -10.12 42.38
CA ILE L 177 -28.04 -10.65 42.97
C ILE L 177 -27.01 -9.53 43.01
N THR L 178 -26.38 -9.34 44.16
CA THR L 178 -25.46 -8.24 44.38
C THR L 178 -24.02 -8.75 44.46
N CYS L 179 -23.11 -8.06 43.77
CA CYS L 179 -21.65 -8.28 43.89
C CYS L 179 -20.96 -6.96 44.24
N LYS L 180 -20.59 -6.81 45.51
CA LYS L 180 -19.81 -5.65 45.94
C LYS L 180 -18.32 -5.91 45.78
N ALA L 181 -17.58 -4.85 45.49
CA ALA L 181 -16.13 -4.92 45.32
C ALA L 181 -15.45 -3.99 46.32
N SER L 182 -14.30 -4.42 46.84
CA SER L 182 -13.66 -3.67 47.92
C SER L 182 -13.12 -2.32 47.43
N GLN L 183 -12.33 -2.33 46.37
CA GLN L 183 -11.77 -1.11 45.81
C GLN L 183 -12.49 -0.79 44.51
N ASP L 184 -12.28 0.42 44.00
CA ASP L 184 -13.05 0.88 42.85
C ASP L 184 -12.59 0.16 41.59
N ILE L 185 -13.50 -0.58 40.98
CA ILE L 185 -13.37 -1.06 39.61
C ILE L 185 -14.47 -0.39 38.80
N ARG L 186 -14.07 0.29 37.72
CA ARG L 186 -14.99 1.23 37.09
C ARG L 186 -16.22 0.53 36.54
N SER L 187 -16.07 -0.28 35.49
CA SER L 187 -17.18 -1.07 34.99
C SER L 187 -16.73 -2.45 34.51
N TYR L 188 -15.46 -2.79 34.76
CA TYR L 188 -14.91 -4.06 34.29
C TYR L 188 -15.38 -5.20 35.21
N LEU L 189 -16.65 -5.53 35.07
CA LEU L 189 -17.28 -6.59 35.82
C LEU L 189 -18.26 -7.32 34.92
N SER L 190 -18.17 -8.65 34.90
CA SER L 190 -19.04 -9.49 34.08
C SER L 190 -19.72 -10.53 34.96
N TRP L 191 -20.85 -11.04 34.47
CA TRP L 191 -21.68 -11.96 35.23
C TRP L 191 -21.78 -13.30 34.51
N TYR L 192 -21.69 -14.38 35.27
CA TYR L 192 -21.56 -15.72 34.72
C TYR L 192 -22.62 -16.64 35.31
N GLN L 193 -23.14 -17.56 34.49
CA GLN L 193 -24.03 -18.62 34.91
C GLN L 193 -23.38 -19.96 34.60
N GLN L 194 -23.25 -20.81 35.61
CA GLN L 194 -22.66 -22.13 35.44
C GLN L 194 -23.63 -23.19 35.91
N LYS L 195 -24.09 -24.03 34.99
CA LYS L 195 -24.99 -25.13 35.31
C LYS L 195 -24.22 -26.28 35.94
N PRO L 196 -24.91 -27.18 36.64
CA PRO L 196 -24.23 -28.34 37.22
C PRO L 196 -23.56 -29.19 36.14
N TRP L 197 -22.26 -29.44 36.33
CA TRP L 197 -21.47 -30.28 35.42
C TRP L 197 -21.45 -29.72 34.00
N LYS L 198 -21.24 -28.42 33.88
CA LYS L 198 -21.10 -27.77 32.59
C LYS L 198 -20.14 -26.60 32.72
N SER L 199 -19.59 -26.17 31.58
CA SER L 199 -18.74 -24.99 31.60
C SER L 199 -19.61 -23.73 31.72
N PRO L 200 -19.08 -22.68 32.34
CA PRO L 200 -19.88 -21.48 32.54
C PRO L 200 -20.30 -20.83 31.23
N LYS L 201 -21.26 -19.91 31.33
CA LYS L 201 -21.77 -19.16 30.19
C LYS L 201 -21.81 -17.69 30.57
N THR L 202 -21.35 -16.83 29.66
CA THR L 202 -21.32 -15.40 29.92
C THR L 202 -22.73 -14.82 29.80
N LEU L 203 -23.09 -13.93 30.72
CA LEU L 203 -24.38 -13.26 30.70
C LEU L 203 -24.25 -11.77 30.47
N ILE L 204 -23.51 -11.06 31.32
CA ILE L 204 -23.33 -9.62 31.24
C ILE L 204 -21.83 -9.36 31.10
N TYR L 205 -21.47 -8.26 30.46
CA TYR L 205 -20.10 -7.75 30.49
C TYR L 205 -20.14 -6.24 30.48
N TYR L 206 -19.05 -5.62 30.96
CA TYR L 206 -18.94 -4.18 31.17
C TYR L 206 -20.02 -3.66 32.11
N ALA L 207 -20.61 -4.53 32.92
CA ALA L 207 -21.56 -4.30 34.01
C ALA L 207 -22.95 -3.90 33.51
N THR L 208 -23.13 -3.58 32.24
CA THR L 208 -24.45 -3.27 31.72
C THR L 208 -24.74 -4.05 30.44
N SER L 209 -23.73 -4.20 29.60
CA SER L 209 -23.94 -4.74 28.26
C SER L 209 -24.35 -6.20 28.31
N LEU L 210 -25.27 -6.56 27.41
CA LEU L 210 -25.78 -7.92 27.31
C LEU L 210 -24.86 -8.73 26.41
N ALA L 211 -24.53 -9.94 26.84
CA ALA L 211 -23.71 -10.82 26.02
C ALA L 211 -24.47 -11.26 24.78
N ASP L 212 -23.77 -11.93 23.87
CA ASP L 212 -24.37 -12.34 22.62
C ASP L 212 -25.19 -13.61 22.81
N GLY L 213 -26.36 -13.64 22.19
CA GLY L 213 -27.25 -14.79 22.31
C GLY L 213 -27.78 -15.01 23.70
N VAL L 214 -28.04 -13.94 24.44
CA VAL L 214 -28.53 -14.02 25.81
C VAL L 214 -29.92 -13.41 25.87
N PRO L 215 -30.89 -14.06 26.52
CA PRO L 215 -32.25 -13.53 26.54
C PRO L 215 -32.30 -12.14 27.18
N SER L 216 -33.24 -11.33 26.69
CA SER L 216 -33.27 -9.92 27.07
C SER L 216 -33.74 -9.73 28.51
N ARG L 217 -34.30 -10.76 29.14
CA ARG L 217 -34.78 -10.61 30.51
C ARG L 217 -33.63 -10.36 31.47
N PHE L 218 -32.50 -11.04 31.25
CA PHE L 218 -31.31 -10.78 32.04
C PHE L 218 -30.88 -9.33 31.88
N SER L 219 -30.59 -8.68 33.01
CA SER L 219 -30.14 -7.30 33.00
C SER L 219 -29.21 -7.06 34.18
N GLY L 220 -28.16 -6.29 33.93
CA GLY L 220 -27.19 -5.94 34.95
C GLY L 220 -27.10 -4.43 35.09
N SER L 221 -26.57 -3.99 36.23
CA SER L 221 -26.46 -2.56 36.52
C SER L 221 -25.35 -2.34 37.53
N GLY L 222 -25.06 -1.07 37.76
CA GLY L 222 -24.12 -0.69 38.78
C GLY L 222 -22.80 -0.18 38.20
N SER L 223 -22.06 0.54 39.04
CA SER L 223 -20.73 1.02 38.71
C SER L 223 -20.06 1.41 40.03
N GLY L 224 -18.75 1.55 39.98
CA GLY L 224 -18.05 1.96 41.20
C GLY L 224 -17.82 0.78 42.11
N GLN L 225 -18.67 0.67 43.14
CA GLN L 225 -18.45 -0.35 44.17
C GLN L 225 -19.49 -1.46 44.11
N ASP L 226 -20.74 -1.11 43.80
CA ASP L 226 -21.87 -2.03 43.93
C ASP L 226 -22.46 -2.33 42.56
N PHE L 227 -22.64 -3.62 42.27
CA PHE L 227 -23.18 -4.09 41.00
C PHE L 227 -24.29 -5.08 41.28
N SER L 228 -25.19 -5.28 40.31
CA SER L 228 -26.32 -6.15 40.51
C SER L 228 -26.69 -6.85 39.20
N LEU L 229 -27.31 -8.02 39.34
CA LEU L 229 -27.86 -8.78 38.21
C LEU L 229 -29.32 -9.08 38.48
N THR L 230 -30.14 -9.08 37.44
CA THR L 230 -31.57 -9.27 37.58
C THR L 230 -32.10 -10.26 36.54
N ILE L 231 -32.91 -11.21 36.99
CA ILE L 231 -33.60 -12.14 36.11
C ILE L 231 -35.08 -11.82 36.19
N ASN L 232 -35.65 -11.31 35.09
CA ASN L 232 -36.99 -10.76 35.14
C ASN L 232 -38.05 -11.86 35.13
N ASN L 233 -38.03 -12.72 34.11
CA ASN L 233 -39.00 -13.80 33.99
C ASN L 233 -38.28 -15.11 34.25
N LEU L 234 -38.41 -15.63 35.48
CA LEU L 234 -37.73 -16.87 35.83
C LEU L 234 -38.26 -18.03 35.03
N GLU L 235 -37.47 -19.09 34.94
CA GLU L 235 -37.73 -20.17 34.01
C GLU L 235 -37.33 -21.50 34.65
N SER L 236 -37.59 -22.58 33.90
CA SER L 236 -37.10 -23.89 34.32
C SER L 236 -35.61 -24.02 34.02
N ASP L 237 -35.13 -23.34 32.98
CA ASP L 237 -33.74 -23.43 32.54
C ASP L 237 -32.84 -22.39 33.21
N ASP L 238 -33.31 -21.74 34.27
CA ASP L 238 -32.53 -20.72 34.97
C ASP L 238 -31.98 -21.20 36.29
N THR L 239 -31.76 -22.51 36.44
CA THR L 239 -31.26 -23.08 37.68
C THR L 239 -29.76 -23.32 37.53
N ALA L 240 -28.95 -22.53 38.24
CA ALA L 240 -27.50 -22.65 38.16
C ALA L 240 -26.88 -21.78 39.25
N THR L 241 -25.54 -21.83 39.30
CA THR L 241 -24.79 -20.95 40.18
C THR L 241 -24.31 -19.73 39.42
N TYR L 242 -24.48 -18.55 40.02
CA TYR L 242 -24.25 -17.29 39.35
C TYR L 242 -23.04 -16.60 39.94
N TYR L 243 -22.06 -16.30 39.10
CA TYR L 243 -20.79 -15.72 39.53
C TYR L 243 -20.63 -14.30 39.00
N CYS L 244 -19.93 -13.48 39.78
CA CYS L 244 -19.49 -12.15 39.40
C CYS L 244 -17.98 -12.17 39.23
N LEU L 245 -17.50 -11.61 38.13
CA LEU L 245 -16.06 -11.58 37.85
C LEU L 245 -15.62 -10.16 37.54
N GLN L 246 -14.50 -9.75 38.13
CA GLN L 246 -13.93 -8.44 37.90
C GLN L 246 -12.59 -8.61 37.20
N HIS L 247 -12.33 -7.77 36.20
CA HIS L 247 -11.02 -7.71 35.57
C HIS L 247 -10.48 -6.29 35.48
N GLY L 248 -10.67 -5.47 36.51
CA GLY L 248 -10.09 -4.14 36.52
C GLY L 248 -8.67 -4.13 37.05
N GLU L 249 -8.33 -5.08 37.91
CA GLU L 249 -7.03 -5.08 38.56
C GLU L 249 -6.15 -6.21 38.05
N SER L 250 -4.91 -6.26 38.57
CA SER L 250 -3.92 -7.16 38.02
C SER L 250 -4.28 -8.64 38.17
N PRO L 251 -4.63 -9.16 39.36
CA PRO L 251 -5.21 -10.51 39.39
C PRO L 251 -6.72 -10.47 39.27
N TYR L 252 -7.28 -11.23 38.34
CA TYR L 252 -8.73 -11.26 38.20
C TYR L 252 -9.32 -12.15 39.29
N THR L 253 -10.21 -11.56 40.09
CA THR L 253 -10.79 -12.24 41.24
C THR L 253 -12.25 -12.53 40.96
N PHE L 254 -12.61 -13.81 40.93
CA PHE L 254 -13.99 -14.20 40.71
C PHE L 254 -14.82 -13.88 41.95
N GLY L 255 -16.11 -14.14 41.88
CA GLY L 255 -16.97 -13.93 43.03
C GLY L 255 -16.86 -15.04 44.04
N SER L 256 -17.89 -15.21 44.87
CA SER L 256 -17.96 -16.32 45.81
C SER L 256 -18.98 -17.37 45.42
N GLY L 257 -19.96 -17.01 44.60
CA GLY L 257 -20.96 -17.96 44.14
C GLY L 257 -22.34 -17.67 44.68
N THR L 258 -23.36 -18.18 43.98
CA THR L 258 -24.75 -18.03 44.43
C THR L 258 -25.58 -19.11 43.76
N LYS L 259 -26.12 -20.03 44.55
CA LYS L 259 -26.99 -21.08 44.05
C LYS L 259 -28.44 -20.62 44.11
N LEU L 260 -29.14 -20.78 42.98
CA LEU L 260 -30.53 -20.36 42.86
C LEU L 260 -31.36 -21.57 42.45
N GLU L 261 -32.25 -22.00 43.34
CA GLU L 261 -33.17 -23.10 43.06
C GLU L 261 -34.56 -22.53 42.81
N ILE L 262 -35.20 -22.99 41.75
CA ILE L 262 -36.51 -22.48 41.34
C ILE L 262 -37.55 -23.56 41.56
N LYS L 263 -38.63 -23.21 42.25
CA LYS L 263 -39.74 -24.13 42.47
C LYS L 263 -40.80 -23.96 41.38
#